data_2C2G
#
_entry.id   2C2G
#
_cell.length_a   57.626
_cell.length_b   61.014
_cell.length_c   76.678
_cell.angle_alpha   108.96
_cell.angle_beta   102.00
_cell.angle_gamma   107.36
#
_symmetry.space_group_name_H-M   'P 1'
#
loop_
_entity.id
_entity.type
_entity.pdbx_description
1 polymer 'THREONINE SYNTHASE'
2 non-polymer "PYRIDOXAL-5'-PHOSPHATE"
3 water water
#
_entity_poly.entity_id   1
_entity_poly.type   'polypeptide(L)'
_entity_poly.pdbx_seq_one_letter_code
;ADGNNIKAPIETAVKPPHRTEDNIRDEARRNRSNAVNPFSAKYVPFNAAPGSTESYSLDEIVYRSRSGGLLDVEHDMEAL
KRFDGAYWRDLFDSRVGKSTWPYGSGVWSKKEWVLPEIDDDDIVSAFEGNSNLFWAERFGKQFLGMNDLWVKHCGISHTG
SFKDLGMTVLVSQVNRLRKMKRPVVGVGCASTGDTSAALSAYCASAGIPSIVFLPANKISMAQLVQPIANGAFVLSIDTD
FDGCMKLIREITAELPIYLANSLNSLRLEGQKTAAIEILQQFDWQVPDWVIVPGGNLGNIYAFYKGFKMCQELGLVDRIP
RMVCAQAANANPLYLHYKSGWKDFKPMTASTTFASAIQIGDPVSIDRAVYALKKCNGIVEEATEEELMDAMAQADSTGMF
ICPHTGVALTALFKLRNQGVIAPTDRTVVVSTAHGLKFTQSKIDYHSNAIPDMACRFSNPPVDVKADFGAVMDVLKSYLG
SNTLTS
;
_entity_poly.pdbx_strand_id   A,B
#
# COMPACT_ATOMS: atom_id res chain seq x y z
N GLU A 11 -9.73 -1.20 36.44
CA GLU A 11 -8.47 -1.65 35.77
C GLU A 11 -8.11 -0.81 34.55
N THR A 12 -7.38 -1.43 33.62
CA THR A 12 -6.92 -0.80 32.37
C THR A 12 -7.99 -0.35 31.35
N ALA A 13 -8.68 0.73 31.67
CA ALA A 13 -9.73 1.28 30.80
C ALA A 13 -9.16 1.52 29.40
N VAL A 14 -9.49 0.62 28.48
CA VAL A 14 -9.05 0.66 27.08
C VAL A 14 -9.66 1.90 26.37
N LYS A 15 -10.98 2.08 26.55
CA LYS A 15 -11.77 3.19 25.99
C LYS A 15 -13.21 3.07 26.61
N PRO A 16 -14.09 4.08 26.41
CA PRO A 16 -15.44 3.92 26.99
C PRO A 16 -16.19 2.98 26.03
N PRO A 17 -17.10 2.11 26.51
CA PRO A 17 -17.76 1.24 25.53
C PRO A 17 -17.82 1.79 24.08
N HIS A 18 -18.64 2.81 23.85
CA HIS A 18 -18.82 3.42 22.53
C HIS A 18 -18.05 4.69 22.10
N ARG A 19 -17.43 4.61 20.92
CA ARG A 19 -16.67 5.74 20.35
C ARG A 19 -17.14 6.18 18.94
N THR A 20 -16.31 7.03 18.31
CA THR A 20 -16.49 7.63 16.96
C THR A 20 -15.54 8.85 16.81
N GLU A 21 -14.89 9.22 17.91
CA GLU A 21 -13.95 10.37 17.98
C GLU A 21 -14.63 11.70 17.63
N ARG A 29 -5.70 20.17 20.90
CA ARG A 29 -5.04 19.40 19.85
C ARG A 29 -5.16 19.97 18.42
N ARG A 30 -5.46 21.27 18.31
CA ARG A 30 -5.62 22.00 17.01
C ARG A 30 -4.67 23.19 16.61
N ASN A 31 -3.68 23.53 17.45
CA ASN A 31 -2.76 24.65 17.14
C ASN A 31 -3.50 26.01 17.11
N ARG A 32 -4.45 26.20 18.02
CA ARG A 32 -5.22 27.42 18.02
C ARG A 32 -6.02 27.93 19.23
N SER A 33 -6.25 29.24 19.21
CA SER A 33 -7.00 29.92 20.24
C SER A 33 -8.45 29.32 20.35
N ASN A 34 -8.83 28.86 21.55
CA ASN A 34 -10.17 28.26 21.80
C ASN A 34 -11.40 29.06 21.46
N ALA A 35 -12.45 28.33 21.06
CA ALA A 35 -13.72 28.92 20.69
C ALA A 35 -13.48 30.00 19.59
N VAL A 36 -12.28 29.98 18.98
CA VAL A 36 -11.87 30.94 17.92
C VAL A 36 -10.64 30.52 17.11
N ASN A 37 -10.90 29.68 16.14
CA ASN A 37 -9.90 29.15 15.23
C ASN A 37 -9.20 30.21 14.37
N PRO A 38 -7.87 30.42 14.55
CA PRO A 38 -7.28 31.42 13.69
C PRO A 38 -7.02 31.07 12.21
N PHE A 39 -7.07 29.82 11.81
CA PHE A 39 -6.76 29.64 10.41
C PHE A 39 -7.98 29.54 9.51
N SER A 40 -7.80 29.92 8.25
CA SER A 40 -8.90 29.87 7.27
C SER A 40 -8.31 29.82 5.84
N ALA A 41 -9.13 29.46 4.85
CA ALA A 41 -8.66 29.43 3.48
C ALA A 41 -9.82 29.79 2.58
N LYS A 42 -9.47 30.26 1.40
CA LYS A 42 -10.50 30.65 0.46
C LYS A 42 -10.15 30.31 -0.99
N TYR A 43 -11.08 30.44 -1.91
CA TYR A 43 -10.71 30.16 -3.27
C TYR A 43 -10.34 31.50 -3.86
N VAL A 44 -9.23 31.52 -4.57
CA VAL A 44 -8.67 32.71 -5.25
C VAL A 44 -8.31 32.31 -6.68
N PRO A 45 -8.30 33.28 -7.62
CA PRO A 45 -7.93 32.86 -8.96
C PRO A 45 -6.43 32.46 -9.03
N PHE A 46 -6.10 31.46 -9.86
CA PHE A 46 -4.69 31.06 -9.96
C PHE A 46 -3.75 32.15 -10.42
N ASN A 47 -2.76 32.41 -9.55
CA ASN A 47 -1.74 33.42 -9.81
C ASN A 47 -2.38 34.74 -10.28
N ALA A 48 -3.28 35.22 -9.42
CA ALA A 48 -4.04 36.47 -9.62
C ALA A 48 -3.17 37.76 -9.62
N ALA A 49 -3.73 38.88 -10.15
CA ALA A 49 -3.05 40.21 -10.21
C ALA A 49 -2.35 40.68 -8.87
N PRO A 50 -1.53 41.79 -8.90
CA PRO A 50 -0.82 42.28 -7.66
C PRO A 50 -1.73 42.78 -6.52
N GLY A 51 -2.83 43.44 -6.91
CA GLY A 51 -3.86 43.99 -6.02
C GLY A 51 -5.19 43.46 -6.56
N SER A 52 -5.64 42.33 -6.03
CA SER A 52 -6.90 41.73 -6.48
C SER A 52 -7.72 41.36 -5.24
N THR A 53 -9.04 41.45 -5.38
CA THR A 53 -9.89 41.13 -4.26
C THR A 53 -10.76 39.87 -4.49
N GLU A 54 -11.01 39.51 -5.74
CA GLU A 54 -11.83 38.34 -6.08
C GLU A 54 -11.58 37.02 -5.28
N SER A 55 -12.60 36.52 -4.59
CA SER A 55 -12.49 35.26 -3.81
C SER A 55 -13.82 34.53 -3.66
N TYR A 56 -13.75 33.30 -3.19
CA TYR A 56 -14.95 32.53 -3.00
C TYR A 56 -14.72 31.68 -1.74
N SER A 57 -15.81 31.37 -1.07
CA SER A 57 -15.72 30.56 0.10
C SER A 57 -15.64 29.13 -0.40
N LEU A 58 -14.99 28.28 0.39
CA LEU A 58 -14.85 26.89 0.04
C LEU A 58 -16.20 26.26 0.15
N ASP A 59 -17.10 26.94 0.83
CA ASP A 59 -18.44 26.44 0.99
C ASP A 59 -19.22 26.64 -0.29
N GLU A 60 -18.71 27.47 -1.19
CA GLU A 60 -19.46 27.66 -2.43
C GLU A 60 -19.02 26.56 -3.39
N ILE A 61 -19.94 26.08 -4.21
CA ILE A 61 -19.61 25.08 -5.17
C ILE A 61 -19.13 26.00 -6.27
N VAL A 62 -17.81 26.12 -6.40
CA VAL A 62 -17.16 27.00 -7.37
C VAL A 62 -16.12 26.27 -8.26
N TYR A 63 -16.22 26.44 -9.58
CA TYR A 63 -15.24 25.76 -10.45
C TYR A 63 -14.25 26.66 -11.19
N ARG A 64 -14.68 27.79 -11.73
CA ARG A 64 -13.77 28.68 -12.45
C ARG A 64 -13.79 30.07 -11.78
N SER A 65 -13.08 31.06 -12.34
CA SER A 65 -13.04 32.41 -11.79
C SER A 65 -13.63 33.29 -12.87
N ARG A 66 -14.41 34.33 -12.51
CA ARG A 66 -15.05 35.23 -13.52
C ARG A 66 -14.60 35.19 -14.97
N SER A 67 -13.29 35.06 -15.20
CA SER A 67 -12.70 35.01 -16.54
C SER A 67 -12.69 33.59 -17.17
N GLY A 68 -13.14 32.59 -16.41
CA GLY A 68 -13.17 31.22 -16.87
C GLY A 68 -11.86 30.50 -16.47
N GLY A 69 -11.04 31.16 -15.65
CA GLY A 69 -9.76 30.65 -15.19
C GLY A 69 -9.78 29.75 -13.97
N LEU A 70 -8.72 28.95 -13.83
CA LEU A 70 -8.59 28.02 -12.71
C LEU A 70 -8.59 28.71 -11.37
N LEU A 71 -9.00 27.96 -10.36
CA LEU A 71 -9.01 28.49 -9.01
C LEU A 71 -7.88 27.81 -8.24
N ASP A 72 -7.47 28.46 -7.15
CA ASP A 72 -6.40 27.95 -6.33
C ASP A 72 -6.86 28.25 -4.91
N VAL A 73 -6.67 27.30 -4.01
CA VAL A 73 -7.03 27.52 -2.66
C VAL A 73 -5.84 28.25 -2.04
N GLU A 74 -6.13 29.41 -1.45
CA GLU A 74 -5.13 30.27 -0.79
C GLU A 74 -5.45 30.21 0.68
N HIS A 75 -4.44 30.02 1.53
CA HIS A 75 -4.61 29.95 3.00
C HIS A 75 -4.14 31.29 3.55
N ASP A 76 -4.66 31.74 4.69
CA ASP A 76 -4.25 33.03 5.28
C ASP A 76 -2.80 32.94 5.82
N MET A 77 -1.79 33.19 4.98
CA MET A 77 -0.40 33.10 5.42
C MET A 77 -0.06 33.90 6.67
N GLU A 78 -0.77 34.98 6.89
CA GLU A 78 -0.58 35.81 8.03
C GLU A 78 -0.91 35.08 9.38
N ALA A 79 -1.97 34.27 9.39
CA ALA A 79 -2.38 33.54 10.59
C ALA A 79 -1.34 32.50 10.96
N LEU A 80 -1.03 31.68 9.96
CA LEU A 80 -0.06 30.65 10.08
C LEU A 80 1.29 31.16 10.58
N LYS A 81 1.72 32.31 10.09
CA LYS A 81 3.01 32.80 10.51
C LYS A 81 3.17 33.26 11.91
N ARG A 82 2.10 33.35 12.70
CA ARG A 82 2.21 33.82 14.12
C ARG A 82 3.01 32.75 14.90
N PHE A 83 2.99 31.54 14.33
CA PHE A 83 3.68 30.37 14.85
C PHE A 83 4.95 30.12 13.98
N ASP A 84 6.12 30.05 14.63
CA ASP A 84 7.37 29.81 13.91
C ASP A 84 7.59 28.43 13.27
N GLY A 85 8.67 28.32 12.50
CA GLY A 85 9.04 27.10 11.75
C GLY A 85 9.09 25.94 12.68
N ALA A 86 9.86 26.13 13.74
CA ALA A 86 10.03 25.10 14.76
C ALA A 86 8.65 24.67 15.27
N TYR A 87 7.77 25.62 15.52
CA TYR A 87 6.46 25.28 16.00
C TYR A 87 5.82 24.24 15.09
N TRP A 88 5.78 24.50 13.80
CA TRP A 88 5.17 23.57 12.88
C TRP A 88 5.92 22.23 12.70
N ARG A 89 7.25 22.23 12.73
CA ARG A 89 7.92 20.92 12.56
C ARG A 89 7.60 20.02 13.77
N ASP A 90 7.59 20.63 14.95
CA ASP A 90 7.34 19.89 16.13
C ASP A 90 5.91 19.48 16.24
N LEU A 91 5.01 20.33 15.79
CA LEU A 91 3.60 19.98 15.87
C LEU A 91 3.33 18.81 14.95
N PHE A 92 3.80 18.91 13.69
CA PHE A 92 3.60 17.84 12.74
C PHE A 92 4.32 16.54 13.21
N ASP A 93 5.51 16.70 13.75
CA ASP A 93 6.22 15.54 14.23
C ASP A 93 5.54 14.89 15.45
N SER A 94 4.82 15.64 16.30
CA SER A 94 4.18 15.03 17.48
C SER A 94 2.97 14.15 17.12
N ARG A 95 2.55 14.22 15.86
CA ARG A 95 1.40 13.46 15.33
C ARG A 95 1.77 12.21 14.49
N VAL A 96 3.06 11.91 14.41
CA VAL A 96 3.53 10.77 13.66
C VAL A 96 3.25 9.59 14.52
N GLY A 97 2.65 8.53 14.00
CA GLY A 97 2.41 7.40 14.88
C GLY A 97 1.06 7.36 15.58
N LYS A 98 0.29 8.43 15.39
CA LYS A 98 -1.06 8.58 15.96
C LYS A 98 -2.11 7.70 15.41
N SER A 99 -3.00 7.35 16.31
CA SER A 99 -4.11 6.50 16.03
C SER A 99 -5.45 7.25 16.21
N THR A 100 -5.37 8.55 16.37
CA THR A 100 -6.59 9.29 16.57
C THR A 100 -7.29 9.83 15.32
N TRP A 101 -8.63 9.76 15.34
CA TRP A 101 -9.48 10.21 14.24
C TRP A 101 -8.89 11.23 13.29
N PRO A 102 -8.49 12.37 13.84
CA PRO A 102 -7.92 13.07 12.70
C PRO A 102 -6.43 12.57 12.41
N TYR A 103 -5.51 13.03 13.25
CA TYR A 103 -4.09 12.77 13.12
C TYR A 103 -3.49 11.51 12.42
N GLY A 104 -4.23 10.39 12.26
CA GLY A 104 -3.75 9.12 11.59
C GLY A 104 -3.22 9.44 10.16
N SER A 105 -4.11 10.04 9.39
CA SER A 105 -3.87 10.44 8.03
C SER A 105 -2.68 11.30 7.83
N GLY A 106 -1.99 11.02 6.72
CA GLY A 106 -0.83 11.81 6.35
C GLY A 106 -1.34 13.16 5.82
N VAL A 107 -2.64 13.34 5.63
CA VAL A 107 -3.16 14.61 5.17
C VAL A 107 -3.64 15.37 6.36
N TRP A 108 -4.61 14.79 7.08
CA TRP A 108 -5.20 15.45 8.26
C TRP A 108 -4.27 15.81 9.42
N SER A 109 -3.09 15.23 9.42
CA SER A 109 -2.12 15.50 10.46
C SER A 109 -1.50 16.84 10.22
N LYS A 110 -1.81 17.40 9.06
CA LYS A 110 -1.36 18.70 8.60
C LYS A 110 -2.65 19.46 8.26
N LYS A 111 -3.71 19.12 9.00
CA LYS A 111 -5.02 19.77 8.80
C LYS A 111 -4.94 21.29 8.71
N GLU A 112 -4.36 21.96 9.69
CA GLU A 112 -4.24 23.41 9.65
C GLU A 112 -3.87 24.05 8.30
N TRP A 113 -3.09 23.34 7.53
CA TRP A 113 -2.62 23.85 6.25
C TRP A 113 -3.38 23.25 5.14
N VAL A 114 -4.52 22.60 5.44
CA VAL A 114 -5.26 21.95 4.38
C VAL A 114 -6.69 22.43 4.30
N LEU A 115 -7.47 22.18 5.33
CA LEU A 115 -8.86 22.62 5.45
C LEU A 115 -8.96 22.87 6.90
N PRO A 116 -8.44 24.03 7.34
CA PRO A 116 -8.38 24.50 8.73
C PRO A 116 -9.75 24.63 9.39
N GLU A 117 -10.77 24.87 8.63
CA GLU A 117 -12.08 25.04 9.23
C GLU A 117 -13.06 23.89 9.25
N ILE A 118 -12.67 22.72 8.77
CA ILE A 118 -13.64 21.63 8.78
C ILE A 118 -13.66 21.04 10.19
N ASP A 119 -14.79 20.59 10.60
CA ASP A 119 -14.94 20.00 11.88
C ASP A 119 -14.42 18.56 11.68
N ASP A 120 -13.76 17.99 12.70
CA ASP A 120 -13.26 16.64 12.57
C ASP A 120 -14.46 15.67 12.35
N ASP A 121 -15.66 16.04 12.72
CA ASP A 121 -16.79 15.13 12.50
C ASP A 121 -17.16 14.89 11.01
N ASP A 122 -16.73 15.82 10.17
CA ASP A 122 -16.99 15.75 8.78
C ASP A 122 -15.89 15.12 7.96
N ILE A 123 -14.65 15.07 8.47
CA ILE A 123 -13.60 14.47 7.68
C ILE A 123 -13.91 13.05 7.22
N VAL A 124 -13.52 12.70 6.01
CA VAL A 124 -13.75 11.36 5.46
C VAL A 124 -12.35 10.90 5.19
N SER A 125 -11.79 10.09 6.05
CA SER A 125 -10.44 9.63 5.84
C SER A 125 -10.32 8.09 5.78
N ALA A 126 -9.23 7.55 5.21
CA ALA A 126 -9.03 6.08 5.14
C ALA A 126 -7.59 5.88 5.58
N PHE A 127 -7.07 6.95 6.13
CA PHE A 127 -5.70 7.01 6.65
C PHE A 127 -4.67 6.88 5.48
N GLU A 128 -4.81 7.82 4.55
CA GLU A 128 -4.03 8.02 3.36
C GLU A 128 -2.76 8.70 3.85
N GLY A 129 -1.77 8.92 2.99
CA GLY A 129 -0.53 9.57 3.45
C GLY A 129 0.39 8.64 4.27
N ASN A 130 1.53 9.14 4.75
CA ASN A 130 2.42 8.23 5.56
C ASN A 130 2.79 7.11 4.65
N SER A 131 3.03 7.56 3.43
CA SER A 131 3.38 6.78 2.26
C SER A 131 4.84 6.30 2.25
N ASN A 132 4.99 5.04 1.86
CA ASN A 132 6.34 4.38 1.78
C ASN A 132 7.44 5.22 1.05
N LEU A 133 8.54 5.60 1.69
CA LEU A 133 9.62 6.39 1.04
C LEU A 133 10.83 5.43 1.00
N PHE A 134 10.82 4.65 -0.09
CA PHE A 134 11.78 3.64 -0.42
C PHE A 134 13.11 4.14 -0.87
N TRP A 135 14.13 3.32 -0.62
CA TRP A 135 15.49 3.66 -1.02
C TRP A 135 15.97 2.68 -2.10
N ALA A 136 16.14 3.25 -3.27
CA ALA A 136 16.56 2.53 -4.43
C ALA A 136 18.06 2.38 -4.43
N GLU A 137 18.55 1.61 -3.48
CA GLU A 137 19.98 1.36 -3.32
C GLU A 137 20.54 0.71 -4.57
N ARG A 138 20.00 -0.48 -4.87
CA ARG A 138 20.46 -1.22 -6.03
C ARG A 138 20.19 -0.56 -7.35
N PHE A 139 19.03 0.07 -7.54
CA PHE A 139 18.84 0.67 -8.82
C PHE A 139 19.71 1.89 -9.09
N GLY A 140 19.87 2.72 -8.06
CA GLY A 140 20.66 3.94 -8.11
C GLY A 140 22.06 3.62 -8.52
N LYS A 141 22.65 2.62 -7.85
CA LYS A 141 24.04 2.20 -8.13
C LYS A 141 24.33 1.50 -9.46
N GLN A 142 23.80 0.29 -9.65
CA GLN A 142 24.03 -0.48 -10.87
C GLN A 142 23.55 0.20 -12.15
N PHE A 143 22.75 1.28 -12.03
CA PHE A 143 22.22 1.95 -13.21
C PHE A 143 22.39 3.42 -13.41
N LEU A 144 22.51 4.18 -12.34
CA LEU A 144 22.69 5.64 -12.44
C LEU A 144 23.93 6.15 -11.72
N GLY A 145 24.55 5.28 -10.95
CA GLY A 145 25.76 5.67 -10.22
C GLY A 145 25.40 6.57 -9.05
N MET A 146 24.15 6.42 -8.58
CA MET A 146 23.65 7.21 -7.49
C MET A 146 23.59 6.45 -6.17
N ASN A 147 23.88 7.16 -5.06
CA ASN A 147 23.82 6.53 -3.76
C ASN A 147 22.65 7.04 -2.91
N ASP A 148 21.96 8.08 -3.37
CA ASP A 148 20.88 8.59 -2.55
C ASP A 148 19.60 8.94 -3.35
N LEU A 149 19.09 7.93 -4.07
CA LEU A 149 17.91 7.95 -4.91
C LEU A 149 16.82 7.24 -4.16
N TRP A 150 15.68 7.93 -3.99
CA TRP A 150 14.54 7.39 -3.27
C TRP A 150 13.32 7.42 -4.14
N VAL A 151 12.37 6.54 -3.86
CA VAL A 151 11.11 6.43 -4.58
C VAL A 151 10.01 6.58 -3.48
N LYS A 152 9.09 7.51 -3.74
CA LYS A 152 8.01 7.81 -2.86
C LYS A 152 6.80 7.13 -3.44
N HIS A 153 6.46 6.02 -2.82
CA HIS A 153 5.36 5.17 -3.19
C HIS A 153 3.93 5.69 -2.97
N CYS A 154 3.56 6.77 -3.64
CA CYS A 154 2.19 7.26 -3.44
C CYS A 154 1.16 6.29 -3.88
N GLY A 155 1.60 5.28 -4.60
CA GLY A 155 0.71 4.25 -5.12
C GLY A 155 0.27 3.16 -4.19
N ILE A 156 1.04 3.06 -3.12
CA ILE A 156 0.80 2.11 -2.12
C ILE A 156 -0.19 2.77 -1.16
N SER A 157 -1.47 2.72 -1.57
CA SER A 157 -2.50 3.29 -0.77
C SER A 157 -3.72 2.49 -0.94
N HIS A 158 -4.75 2.89 -0.20
CA HIS A 158 -6.12 2.28 -0.13
C HIS A 158 -6.77 2.03 -1.51
N THR A 159 -6.43 2.86 -2.49
CA THR A 159 -6.93 2.83 -3.88
C THR A 159 -6.07 2.40 -5.00
N GLY A 160 -4.80 2.55 -4.79
CA GLY A 160 -3.85 2.18 -5.76
C GLY A 160 -3.19 3.41 -6.37
N SER A 161 -3.50 4.61 -5.81
CA SER A 161 -2.87 5.85 -6.32
C SER A 161 -2.87 7.05 -5.41
N PHE A 162 -2.07 8.02 -5.82
CA PHE A 162 -1.84 9.32 -5.24
C PHE A 162 -3.17 10.06 -5.09
N LYS A 163 -4.14 9.75 -5.94
CA LYS A 163 -5.44 10.36 -5.89
C LYS A 163 -6.20 10.28 -4.58
N ASP A 164 -5.75 9.47 -3.60
CA ASP A 164 -6.46 9.40 -2.32
C ASP A 164 -6.14 10.71 -1.54
N LEU A 165 -4.99 11.31 -1.78
CA LEU A 165 -4.68 12.53 -1.03
C LEU A 165 -5.71 13.55 -1.36
N GLY A 166 -6.00 13.76 -2.65
CA GLY A 166 -7.01 14.73 -3.12
C GLY A 166 -8.46 14.41 -2.69
N MET A 167 -8.88 13.18 -2.95
CA MET A 167 -10.21 12.85 -2.60
C MET A 167 -10.50 12.92 -1.19
N THR A 168 -9.52 12.77 -0.32
CA THR A 168 -9.94 12.82 1.09
C THR A 168 -10.42 14.21 1.40
N VAL A 169 -9.69 15.18 0.87
CA VAL A 169 -10.01 16.55 1.09
C VAL A 169 -11.35 16.87 0.43
N LEU A 170 -11.41 16.63 -0.88
CA LEU A 170 -12.60 16.90 -1.63
C LEU A 170 -13.83 16.31 -1.04
N VAL A 171 -13.80 15.03 -0.70
CA VAL A 171 -14.98 14.40 -0.13
C VAL A 171 -15.28 14.95 1.26
N SER A 172 -14.25 15.48 1.91
CA SER A 172 -14.45 16.03 3.24
C SER A 172 -15.18 17.27 3.06
N GLN A 173 -14.69 18.12 2.16
CA GLN A 173 -15.36 19.40 1.92
C GLN A 173 -16.84 19.12 1.56
N VAL A 174 -17.09 18.21 0.62
CA VAL A 174 -18.44 17.88 0.22
C VAL A 174 -19.28 17.34 1.39
N ASN A 175 -18.75 16.42 2.21
CA ASN A 175 -19.49 15.87 3.35
C ASN A 175 -19.88 17.06 4.28
N ARG A 176 -19.00 18.07 4.33
CA ARG A 176 -19.26 19.25 5.15
C ARG A 176 -20.47 20.02 4.67
N LEU A 177 -20.51 20.26 3.36
CA LEU A 177 -21.61 20.98 2.77
C LEU A 177 -22.86 20.13 2.92
N ARG A 178 -22.72 18.83 2.74
CA ARG A 178 -23.88 17.94 2.86
C ARG A 178 -24.47 18.00 4.29
N LYS A 179 -23.65 17.81 5.33
CA LYS A 179 -24.17 17.89 6.71
C LYS A 179 -24.73 19.25 7.11
N MET A 180 -24.30 20.31 6.43
CA MET A 180 -24.81 21.65 6.77
C MET A 180 -26.17 21.85 6.15
N LYS A 181 -26.85 20.77 5.73
CA LYS A 181 -28.19 20.92 5.12
C LYS A 181 -28.04 21.73 3.79
N ARG A 182 -26.80 21.98 3.37
CA ARG A 182 -26.47 22.73 2.14
C ARG A 182 -26.92 21.77 0.98
N PRO A 183 -27.19 22.28 -0.24
CA PRO A 183 -27.64 21.19 -1.08
C PRO A 183 -26.64 20.54 -2.01
N VAL A 184 -26.34 19.27 -1.70
CA VAL A 184 -25.42 18.39 -2.44
C VAL A 184 -25.96 16.98 -2.22
N VAL A 185 -26.74 16.51 -3.16
CA VAL A 185 -27.33 15.21 -3.08
C VAL A 185 -26.29 14.13 -3.40
N GLY A 186 -25.25 14.50 -4.13
CA GLY A 186 -24.22 13.56 -4.51
C GLY A 186 -23.10 14.16 -5.32
N VAL A 187 -22.18 13.29 -5.72
CA VAL A 187 -20.99 13.62 -6.50
C VAL A 187 -20.94 12.94 -7.87
N GLY A 188 -20.67 13.73 -8.87
CA GLY A 188 -20.62 13.20 -10.21
C GLY A 188 -19.22 13.17 -10.76
N CYS A 189 -19.00 12.32 -11.72
CA CYS A 189 -17.71 12.23 -12.29
C CYS A 189 -17.80 11.65 -13.69
N ALA A 190 -16.81 11.91 -14.52
CA ALA A 190 -16.84 11.39 -15.90
C ALA A 190 -15.54 10.80 -16.31
N SER A 191 -14.90 10.08 -15.38
CA SER A 191 -13.60 9.43 -15.46
C SER A 191 -13.56 7.96 -15.32
N THR A 192 -12.67 7.32 -16.06
CA THR A 192 -12.59 5.86 -15.97
C THR A 192 -11.29 5.37 -15.36
N GLY A 193 -10.61 6.26 -14.64
CA GLY A 193 -9.32 5.93 -14.02
C GLY A 193 -9.23 6.04 -12.53
N ASP A 194 -8.08 6.52 -12.07
CA ASP A 194 -7.79 6.67 -10.67
C ASP A 194 -8.65 7.66 -9.91
N THR A 195 -9.00 8.77 -10.54
CA THR A 195 -9.84 9.76 -9.88
C THR A 195 -11.21 9.18 -9.58
N SER A 196 -11.78 8.47 -10.55
CA SER A 196 -13.07 7.89 -10.35
C SER A 196 -12.97 6.83 -9.22
N ALA A 197 -11.89 6.07 -9.24
CA ALA A 197 -11.67 5.03 -8.23
C ALA A 197 -11.51 5.69 -6.85
N ALA A 198 -10.60 6.64 -6.70
CA ALA A 198 -10.45 7.26 -5.38
C ALA A 198 -11.80 7.97 -4.98
N LEU A 199 -12.37 8.76 -5.88
CA LEU A 199 -13.63 9.45 -5.59
C LEU A 199 -14.72 8.48 -5.14
N SER A 200 -14.95 7.38 -5.83
CA SER A 200 -16.00 6.46 -5.40
C SER A 200 -15.82 5.76 -4.07
N ALA A 201 -14.55 5.57 -3.75
CA ALA A 201 -14.09 4.93 -2.55
C ALA A 201 -14.50 5.77 -1.36
N TYR A 202 -13.89 6.93 -1.28
CA TYR A 202 -14.18 7.85 -0.20
C TYR A 202 -15.63 8.12 -0.06
N CYS A 203 -16.34 8.44 -1.16
CA CYS A 203 -17.77 8.66 -1.05
C CYS A 203 -18.51 7.51 -0.46
N ALA A 204 -18.09 6.30 -0.81
CA ALA A 204 -18.79 5.16 -0.26
C ALA A 204 -18.60 5.02 1.23
N SER A 205 -17.38 5.29 1.73
CA SER A 205 -17.05 5.18 3.17
C SER A 205 -18.01 6.09 3.93
N ALA A 206 -18.30 7.26 3.37
CA ALA A 206 -19.21 8.22 4.02
C ALA A 206 -20.67 8.03 3.73
N GLY A 207 -21.03 7.28 2.71
CA GLY A 207 -22.45 7.09 2.43
C GLY A 207 -22.99 8.12 1.46
N ILE A 208 -22.12 8.82 0.76
CA ILE A 208 -22.49 9.85 -0.20
C ILE A 208 -22.57 9.22 -1.58
N PRO A 209 -23.69 9.43 -2.31
CA PRO A 209 -23.81 8.83 -3.63
C PRO A 209 -22.69 9.32 -4.54
N SER A 210 -22.29 8.44 -5.46
CA SER A 210 -21.26 8.77 -6.40
C SER A 210 -21.82 8.36 -7.71
N ILE A 211 -21.85 9.27 -8.69
CA ILE A 211 -22.40 8.94 -10.00
C ILE A 211 -21.29 9.08 -11.03
N VAL A 212 -21.12 8.12 -11.92
CA VAL A 212 -20.07 8.19 -12.94
C VAL A 212 -20.84 8.32 -14.27
N PHE A 213 -20.47 9.29 -15.10
CA PHE A 213 -21.21 9.41 -16.34
C PHE A 213 -20.35 9.04 -17.49
N LEU A 214 -20.77 8.04 -18.24
CA LEU A 214 -19.98 7.58 -19.40
C LEU A 214 -20.62 7.21 -20.71
N PRO A 215 -19.94 7.48 -21.84
CA PRO A 215 -20.53 7.09 -23.10
C PRO A 215 -20.46 5.61 -22.96
N ALA A 216 -21.46 4.93 -23.50
CA ALA A 216 -21.52 3.50 -23.47
C ALA A 216 -20.32 2.87 -24.16
N ASN A 217 -19.72 3.53 -25.13
CA ASN A 217 -18.57 2.95 -25.79
C ASN A 217 -17.24 3.09 -24.96
N LYS A 218 -17.37 3.49 -23.70
CA LYS A 218 -16.19 3.67 -22.86
C LYS A 218 -16.29 2.85 -21.56
N ILE A 219 -17.24 1.90 -21.51
CA ILE A 219 -17.46 1.02 -20.36
C ILE A 219 -16.44 -0.11 -20.55
N SER A 220 -15.96 -0.70 -19.46
CA SER A 220 -14.98 -1.77 -19.39
C SER A 220 -15.15 -2.17 -17.92
N MET A 221 -15.68 -3.37 -17.64
CA MET A 221 -15.88 -3.81 -16.24
C MET A 221 -14.57 -3.76 -15.54
N ALA A 222 -13.55 -4.13 -16.29
CA ALA A 222 -12.18 -4.13 -15.81
C ALA A 222 -11.73 -2.73 -15.40
N GLN A 223 -11.93 -1.74 -16.26
CA GLN A 223 -11.47 -0.39 -15.88
C GLN A 223 -12.31 0.22 -14.79
N LEU A 224 -13.54 -0.20 -14.61
CA LEU A 224 -14.41 0.36 -13.58
C LEU A 224 -14.61 -0.52 -12.37
N VAL A 225 -13.76 -1.52 -12.24
CA VAL A 225 -13.93 -2.42 -11.12
C VAL A 225 -14.03 -1.73 -9.71
N GLN A 226 -13.22 -0.70 -9.45
CA GLN A 226 -13.32 -0.08 -8.15
C GLN A 226 -14.68 0.66 -7.94
N PRO A 227 -15.05 1.64 -8.82
CA PRO A 227 -16.35 2.34 -8.57
C PRO A 227 -17.50 1.33 -8.52
N ILE A 228 -17.51 0.37 -9.45
CA ILE A 228 -18.56 -0.64 -9.43
C ILE A 228 -18.53 -1.30 -8.04
N ALA A 229 -17.35 -1.75 -7.63
CA ALA A 229 -17.22 -2.41 -6.31
C ALA A 229 -17.63 -1.50 -5.18
N ASN A 230 -17.32 -0.23 -5.34
CA ASN A 230 -17.68 0.70 -4.29
C ASN A 230 -19.10 1.19 -4.33
N GLY A 231 -19.97 0.58 -5.11
CA GLY A 231 -21.37 1.08 -5.13
C GLY A 231 -21.71 2.30 -5.98
N ALA A 232 -20.83 2.72 -6.85
CA ALA A 232 -21.17 3.88 -7.64
C ALA A 232 -22.27 3.54 -8.63
N PHE A 233 -23.04 4.55 -9.02
CA PHE A 233 -24.12 4.41 -9.97
C PHE A 233 -23.37 4.84 -11.24
N VAL A 234 -23.07 3.87 -12.11
CA VAL A 234 -22.35 4.07 -13.32
C VAL A 234 -23.38 4.07 -14.44
N LEU A 235 -23.46 5.18 -15.16
CA LEU A 235 -24.36 5.35 -16.26
C LEU A 235 -23.61 5.08 -17.54
N SER A 236 -24.13 4.17 -18.32
CA SER A 236 -23.54 3.76 -19.58
C SER A 236 -24.53 4.40 -20.53
N ILE A 237 -24.15 5.59 -21.01
CA ILE A 237 -24.99 6.42 -21.91
C ILE A 237 -24.84 6.30 -23.45
N ASP A 238 -25.97 6.16 -24.15
CA ASP A 238 -25.96 6.03 -25.60
C ASP A 238 -25.72 7.36 -26.37
N THR A 239 -24.44 7.74 -26.44
CA THR A 239 -23.82 8.95 -27.10
C THR A 239 -22.33 8.92 -26.95
N ASP A 240 -21.69 9.89 -27.60
CA ASP A 240 -20.23 10.02 -27.54
C ASP A 240 -19.90 10.96 -26.37
N PHE A 241 -18.64 11.25 -26.20
CA PHE A 241 -18.20 12.07 -25.12
C PHE A 241 -18.85 13.45 -25.12
N ASP A 242 -18.86 14.14 -26.28
CA ASP A 242 -19.51 15.46 -26.36
C ASP A 242 -20.90 15.44 -25.81
N GLY A 243 -21.72 14.48 -26.25
CA GLY A 243 -23.10 14.31 -25.80
C GLY A 243 -23.22 13.93 -24.34
N CYS A 244 -22.20 13.31 -23.81
CA CYS A 244 -22.16 12.89 -22.42
C CYS A 244 -21.87 14.13 -21.56
N MET A 245 -20.97 14.99 -22.04
CA MET A 245 -20.65 16.19 -21.34
C MET A 245 -21.93 17.03 -21.40
N LYS A 246 -22.62 17.08 -22.54
CA LYS A 246 -23.84 17.88 -22.59
C LYS A 246 -24.77 17.46 -21.40
N LEU A 247 -25.10 16.18 -21.32
CA LEU A 247 -25.97 15.78 -20.24
C LEU A 247 -25.49 16.13 -18.85
N ILE A 248 -24.22 15.81 -18.53
CA ILE A 248 -23.63 16.08 -17.23
C ILE A 248 -23.90 17.50 -16.82
N ARG A 249 -23.56 18.40 -17.73
CA ARG A 249 -23.71 19.83 -17.59
C ARG A 249 -25.24 20.00 -17.39
N GLU A 250 -26.07 19.56 -18.33
CA GLU A 250 -27.54 19.71 -18.14
C GLU A 250 -28.04 19.15 -16.79
N ILE A 251 -27.48 18.03 -16.30
CA ILE A 251 -27.91 17.44 -15.03
C ILE A 251 -27.46 18.22 -13.82
N THR A 252 -26.16 18.39 -13.70
CA THR A 252 -25.65 19.08 -12.56
C THR A 252 -26.31 20.43 -12.31
N ALA A 253 -26.76 21.07 -13.38
CA ALA A 253 -27.42 22.38 -13.27
C ALA A 253 -28.85 22.28 -12.73
N GLU A 254 -29.48 21.11 -12.85
CA GLU A 254 -30.84 20.82 -12.42
C GLU A 254 -30.85 19.90 -11.15
N LEU A 255 -29.68 19.53 -10.63
CA LEU A 255 -29.52 18.68 -9.44
C LEU A 255 -28.23 19.06 -8.80
N PRO A 256 -28.24 19.26 -7.48
CA PRO A 256 -27.02 19.64 -6.76
C PRO A 256 -26.23 18.38 -6.57
N ILE A 257 -25.32 18.23 -7.52
CA ILE A 257 -24.38 17.15 -7.70
C ILE A 257 -23.14 17.90 -8.09
N TYR A 258 -22.11 17.64 -7.34
CA TYR A 258 -20.87 18.26 -7.52
C TYR A 258 -20.02 17.39 -8.42
N LEU A 259 -19.43 17.96 -9.45
CA LEU A 259 -18.58 17.17 -10.33
C LEU A 259 -17.19 17.22 -9.84
N ALA A 260 -16.54 16.06 -9.78
CA ALA A 260 -15.18 16.07 -9.35
C ALA A 260 -14.51 16.19 -10.73
N ASN A 261 -13.84 17.31 -10.94
CA ASN A 261 -13.18 17.53 -12.20
C ASN A 261 -11.67 17.58 -12.04
N SER A 262 -10.99 17.34 -13.16
CA SER A 262 -9.55 17.39 -13.16
C SER A 262 -9.06 18.73 -12.60
N LEU A 263 -9.74 19.80 -12.98
CA LEU A 263 -9.39 21.14 -12.56
C LEU A 263 -9.69 21.56 -11.11
N ASN A 264 -10.35 20.69 -10.36
CA ASN A 264 -10.68 21.01 -9.01
C ASN A 264 -9.47 21.34 -8.13
N SER A 265 -9.43 22.54 -7.60
CA SER A 265 -8.31 22.96 -6.79
C SER A 265 -8.35 22.45 -5.36
N LEU A 266 -9.44 21.92 -4.92
CA LEU A 266 -9.46 21.44 -3.58
C LEU A 266 -8.59 20.14 -3.48
N ARG A 267 -8.55 19.27 -4.53
CA ARG A 267 -7.75 18.04 -4.54
C ARG A 267 -6.26 18.48 -4.31
N LEU A 268 -5.83 19.57 -4.90
CA LEU A 268 -4.45 20.01 -4.72
C LEU A 268 -4.05 20.25 -3.26
N GLU A 269 -5.01 20.56 -2.39
CA GLU A 269 -4.70 20.81 -0.99
C GLU A 269 -4.27 19.52 -0.30
N GLY A 270 -4.82 18.37 -0.69
CA GLY A 270 -4.42 17.06 -0.10
C GLY A 270 -3.10 16.58 -0.80
N GLN A 271 -2.97 16.74 -2.11
CA GLN A 271 -1.76 16.30 -2.81
C GLN A 271 -0.54 17.07 -2.36
N LYS A 272 -0.74 18.32 -1.91
CA LYS A 272 0.44 19.03 -1.52
C LYS A 272 1.09 18.38 -0.28
N THR A 273 0.33 17.58 0.48
CA THR A 273 0.90 16.95 1.69
C THR A 273 2.02 15.93 1.39
N ALA A 274 1.96 15.31 0.21
CA ALA A 274 3.00 14.37 -0.14
C ALA A 274 4.30 15.13 -0.14
N ALA A 275 4.34 16.42 -0.48
CA ALA A 275 5.64 17.09 -0.46
C ALA A 275 6.11 17.41 0.97
N ILE A 276 5.18 17.88 1.81
CA ILE A 276 5.48 18.18 3.19
C ILE A 276 6.05 16.84 3.74
N GLU A 277 5.31 15.76 3.56
CA GLU A 277 5.73 14.46 4.05
C GLU A 277 7.12 14.02 3.60
N ILE A 278 7.44 14.32 2.35
CA ILE A 278 8.73 13.97 1.87
C ILE A 278 9.70 14.68 2.77
N LEU A 279 9.46 15.95 3.07
CA LEU A 279 10.41 16.68 3.92
C LEU A 279 10.35 16.06 5.31
N GLN A 280 9.15 15.77 5.77
CA GLN A 280 9.06 15.22 7.11
C GLN A 280 9.91 13.95 7.31
N GLN A 281 9.76 13.03 6.35
CA GLN A 281 10.45 11.75 6.31
C GLN A 281 11.97 11.96 6.24
N PHE A 282 12.42 13.07 5.66
CA PHE A 282 13.87 13.34 5.63
C PHE A 282 14.26 14.21 6.77
N ASP A 283 13.51 14.05 7.86
CA ASP A 283 13.72 14.77 9.10
C ASP A 283 14.05 16.23 8.76
N TRP A 284 13.14 16.79 7.97
CA TRP A 284 13.11 18.15 7.46
C TRP A 284 14.28 18.62 6.63
N GLN A 285 14.87 17.74 5.83
CA GLN A 285 16.02 18.11 4.98
C GLN A 285 15.54 18.25 3.58
N VAL A 286 16.07 19.23 2.87
CA VAL A 286 15.55 19.36 1.54
C VAL A 286 16.32 18.64 0.44
N PRO A 287 15.63 17.74 -0.28
CA PRO A 287 16.20 16.98 -1.38
C PRO A 287 16.71 17.90 -2.48
N ASP A 288 17.73 17.47 -3.16
CA ASP A 288 18.23 18.27 -4.23
C ASP A 288 17.29 18.23 -5.41
N TRP A 289 16.69 17.06 -5.73
CA TRP A 289 15.75 16.91 -6.89
C TRP A 289 14.57 16.01 -6.63
N VAL A 290 13.40 16.42 -7.09
CA VAL A 290 12.23 15.64 -6.92
C VAL A 290 11.71 15.57 -8.37
N ILE A 291 11.47 14.35 -8.84
CA ILE A 291 11.00 14.09 -10.19
C ILE A 291 9.60 13.77 -10.15
N VAL A 292 8.80 14.59 -10.79
CA VAL A 292 7.42 14.26 -10.72
C VAL A 292 6.98 13.87 -12.07
N PRO A 293 6.45 12.64 -12.21
CA PRO A 293 6.00 12.21 -13.49
C PRO A 293 4.88 13.16 -13.79
N GLY A 294 3.84 12.67 -14.44
CA GLY A 294 2.82 13.67 -14.66
C GLY A 294 2.09 13.83 -15.92
N GLY A 295 1.17 12.91 -16.16
CA GLY A 295 0.39 13.02 -17.36
C GLY A 295 -0.44 14.20 -16.97
N ASN A 296 -0.81 14.26 -15.69
CA ASN A 296 -1.62 15.30 -15.04
C ASN A 296 -0.80 16.43 -14.47
N LEU A 297 -0.86 17.55 -15.16
CA LEU A 297 -0.09 18.69 -14.75
C LEU A 297 -0.24 19.31 -13.33
N GLY A 298 -1.31 18.99 -12.62
CA GLY A 298 -1.50 19.54 -11.26
C GLY A 298 -0.58 18.82 -10.24
N ASN A 299 -0.29 17.54 -10.50
CA ASN A 299 0.56 16.82 -9.60
C ASN A 299 1.84 17.65 -9.28
N ILE A 300 2.53 18.14 -10.30
CA ILE A 300 3.75 18.88 -10.04
C ILE A 300 3.53 20.24 -9.32
N TYR A 301 2.48 20.98 -9.66
CA TYR A 301 2.21 22.23 -8.99
C TYR A 301 1.95 21.80 -7.52
N ALA A 302 1.05 20.85 -7.33
CA ALA A 302 0.74 20.37 -5.96
C ALA A 302 2.02 20.16 -5.14
N PHE A 303 3.03 19.53 -5.72
CA PHE A 303 4.28 19.31 -5.00
C PHE A 303 4.94 20.62 -4.73
N TYR A 304 4.96 21.46 -5.73
CA TYR A 304 5.57 22.73 -5.57
C TYR A 304 4.91 23.55 -4.41
N LYS A 305 3.58 23.52 -4.37
CA LYS A 305 2.80 24.25 -3.38
C LYS A 305 3.26 23.71 -1.99
N GLY A 306 3.25 22.37 -1.80
CA GLY A 306 3.69 21.77 -0.54
C GLY A 306 5.14 22.16 -0.26
N PHE A 307 6.05 22.13 -1.21
CA PHE A 307 7.37 22.52 -0.81
C PHE A 307 7.54 24.01 -0.52
N LYS A 308 6.80 24.84 -1.23
CA LYS A 308 6.83 26.31 -1.07
C LYS A 308 6.29 26.67 0.31
N MET A 309 5.15 26.09 0.67
CA MET A 309 4.50 26.38 1.95
C MET A 309 5.44 26.04 3.14
N CYS A 310 6.15 24.92 3.05
CA CYS A 310 7.07 24.57 4.14
C CYS A 310 8.12 25.65 4.33
N GLN A 311 8.51 26.23 3.22
CA GLN A 311 9.50 27.25 3.31
C GLN A 311 9.00 28.63 3.73
N GLU A 312 7.80 28.98 3.29
CA GLU A 312 7.18 30.27 3.59
C GLU A 312 7.06 30.35 5.04
N LEU A 313 6.52 29.28 5.65
CA LEU A 313 6.32 29.18 7.06
C LEU A 313 7.61 29.00 7.83
N GLY A 314 8.72 28.83 7.12
CA GLY A 314 10.02 28.67 7.73
C GLY A 314 10.36 27.33 8.33
N LEU A 315 9.77 26.23 7.86
CA LEU A 315 10.08 24.94 8.43
C LEU A 315 11.45 24.55 7.85
N VAL A 316 11.74 25.02 6.64
CA VAL A 316 13.01 24.75 5.98
C VAL A 316 13.38 26.01 5.23
N ASP A 317 14.63 26.08 4.79
CA ASP A 317 15.11 27.26 4.09
C ASP A 317 15.11 27.31 2.54
N ARG A 318 15.11 26.15 1.90
CA ARG A 318 15.12 26.02 0.44
C ARG A 318 13.94 25.20 -0.01
N ILE A 319 13.72 25.18 -1.32
CA ILE A 319 12.64 24.37 -1.92
C ILE A 319 13.44 23.51 -2.87
N PRO A 320 13.02 22.28 -3.13
CA PRO A 320 13.88 21.51 -4.03
C PRO A 320 13.77 21.72 -5.52
N ARG A 321 14.86 21.61 -6.28
CA ARG A 321 14.67 21.79 -7.73
C ARG A 321 13.81 20.59 -8.21
N MET A 322 13.07 20.77 -9.30
CA MET A 322 12.23 19.68 -9.77
C MET A 322 12.27 19.39 -11.26
N VAL A 323 11.71 18.21 -11.57
CA VAL A 323 11.62 17.71 -12.89
C VAL A 323 10.17 17.26 -13.21
N CYS A 324 9.70 17.73 -14.35
CA CYS A 324 8.38 17.37 -14.79
C CYS A 324 8.75 16.35 -15.87
N ALA A 325 8.64 15.07 -15.54
CA ALA A 325 8.96 14.05 -16.51
C ALA A 325 7.73 13.73 -17.26
N GLN A 326 7.84 13.95 -18.58
CA GLN A 326 6.80 13.74 -19.59
C GLN A 326 6.97 12.65 -20.65
N ALA A 327 5.85 12.01 -20.99
CA ALA A 327 5.84 10.97 -22.02
C ALA A 327 5.91 11.74 -23.36
N ALA A 328 6.64 11.19 -24.32
CA ALA A 328 6.82 11.75 -25.62
C ALA A 328 5.53 12.27 -26.25
N ASN A 329 5.69 13.46 -26.84
CA ASN A 329 4.65 14.19 -27.55
C ASN A 329 3.27 14.34 -26.83
N ALA A 330 3.18 13.98 -25.55
CA ALA A 330 1.94 14.08 -24.77
C ALA A 330 1.26 15.47 -24.87
N ASN A 331 2.01 16.52 -24.46
CA ASN A 331 1.61 17.94 -24.46
C ASN A 331 2.78 18.84 -24.90
N PRO A 332 2.54 20.13 -25.12
CA PRO A 332 3.67 20.97 -25.54
C PRO A 332 4.64 21.42 -24.41
N LEU A 333 4.35 21.06 -23.18
CA LEU A 333 5.19 21.45 -22.01
C LEU A 333 6.73 21.40 -22.31
N TYR A 334 7.22 20.27 -22.79
CA TYR A 334 8.62 20.13 -23.11
C TYR A 334 9.03 21.08 -24.21
N LEU A 335 8.25 21.18 -25.31
CA LEU A 335 8.66 22.10 -26.37
C LEU A 335 8.86 23.47 -25.75
N HIS A 336 7.99 23.87 -24.82
CA HIS A 336 8.17 25.17 -24.18
C HIS A 336 9.47 25.30 -23.40
N TYR A 337 9.81 24.32 -22.56
CA TYR A 337 11.06 24.36 -21.78
C TYR A 337 12.36 24.54 -22.54
N LYS A 338 12.61 23.73 -23.59
CA LYS A 338 13.84 23.87 -24.37
C LYS A 338 14.01 25.25 -25.01
N SER A 339 12.99 26.08 -24.93
CA SER A 339 13.08 27.43 -25.48
C SER A 339 12.65 28.44 -24.42
N GLY A 340 13.24 28.28 -23.23
CA GLY A 340 13.01 29.11 -22.06
C GLY A 340 11.67 29.82 -21.98
N TRP A 341 10.61 29.10 -22.33
CA TRP A 341 9.22 29.56 -22.33
C TRP A 341 8.91 30.94 -22.95
N LYS A 342 9.70 31.36 -23.95
CA LYS A 342 9.46 32.65 -24.61
C LYS A 342 8.31 32.63 -25.61
N ASP A 343 7.71 31.47 -25.83
CA ASP A 343 6.58 31.29 -26.74
C ASP A 343 5.36 30.83 -25.96
N PHE A 344 5.42 31.01 -24.64
CA PHE A 344 4.32 30.59 -23.76
C PHE A 344 3.23 31.59 -23.48
N LYS A 345 1.99 31.09 -23.34
CA LYS A 345 0.86 32.01 -23.07
C LYS A 345 -0.21 31.50 -22.06
N PRO A 346 -0.30 32.18 -20.90
CA PRO A 346 -1.25 31.88 -19.84
C PRO A 346 -2.67 32.14 -20.31
N VAL A 363 -5.85 19.67 -20.25
CA VAL A 363 -4.46 19.76 -19.78
C VAL A 363 -4.05 21.19 -19.39
N SER A 364 -3.77 21.38 -18.08
CA SER A 364 -3.35 22.72 -17.52
C SER A 364 -1.92 23.01 -17.14
N ILE A 365 -1.22 23.28 -18.25
CA ILE A 365 0.18 23.62 -18.38
C ILE A 365 0.61 24.83 -17.56
N ASP A 366 -0.22 25.87 -17.55
CA ASP A 366 0.07 27.09 -16.82
C ASP A 366 0.54 26.87 -15.39
N ARG A 367 -0.05 25.90 -14.69
CA ARG A 367 0.34 25.64 -13.31
C ARG A 367 1.67 24.96 -13.33
N ALA A 368 1.92 24.12 -14.32
CA ALA A 368 3.21 23.44 -14.36
C ALA A 368 4.30 24.46 -14.62
N VAL A 369 4.12 25.26 -15.66
CA VAL A 369 5.03 26.30 -16.05
C VAL A 369 5.35 27.22 -14.86
N TYR A 370 4.29 27.79 -14.29
CA TYR A 370 4.44 28.68 -13.15
C TYR A 370 5.32 28.04 -12.09
N ALA A 371 5.05 26.77 -11.81
CA ALA A 371 5.80 26.03 -10.81
C ALA A 371 7.23 25.75 -11.17
N LEU A 372 7.48 25.45 -12.43
CA LEU A 372 8.81 25.17 -12.78
C LEU A 372 9.59 26.45 -12.80
N LYS A 373 8.96 27.58 -13.13
CA LYS A 373 9.69 28.87 -13.15
C LYS A 373 10.21 29.05 -11.75
N LYS A 374 9.26 29.20 -10.82
CA LYS A 374 9.55 29.41 -9.43
C LYS A 374 10.64 28.48 -8.86
N CYS A 375 10.76 27.24 -9.30
CA CYS A 375 11.80 26.43 -8.70
C CYS A 375 12.91 26.08 -9.63
N ASN A 376 13.04 26.87 -10.68
CA ASN A 376 14.08 26.71 -11.67
C ASN A 376 14.11 25.24 -12.07
N GLY A 377 12.96 24.69 -12.42
CA GLY A 377 12.87 23.30 -12.78
C GLY A 377 13.21 22.91 -14.17
N ILE A 378 13.12 21.62 -14.44
CA ILE A 378 13.43 21.09 -15.76
C ILE A 378 12.32 20.18 -16.24
N VAL A 379 12.18 20.05 -17.54
CA VAL A 379 11.16 19.18 -18.08
C VAL A 379 12.00 18.24 -18.92
N GLU A 380 11.70 16.94 -18.91
CA GLU A 380 12.47 15.97 -19.74
C GLU A 380 11.52 14.87 -20.30
N GLU A 381 11.94 14.17 -21.36
CA GLU A 381 11.10 13.14 -21.98
C GLU A 381 11.44 11.68 -22.00
N ALA A 382 10.39 10.90 -22.20
CA ALA A 382 10.57 9.49 -22.27
C ALA A 382 9.82 8.96 -23.49
N THR A 383 10.49 8.14 -24.31
CA THR A 383 9.81 7.60 -25.43
C THR A 383 8.96 6.42 -24.85
N GLU A 384 8.11 5.85 -25.69
CA GLU A 384 7.25 4.77 -25.32
C GLU A 384 8.18 3.59 -25.04
N GLU A 385 9.14 3.31 -25.94
CA GLU A 385 10.09 2.20 -25.73
C GLU A 385 10.95 2.45 -24.49
N GLU A 386 11.49 3.67 -24.38
CA GLU A 386 12.32 4.06 -23.24
C GLU A 386 11.68 3.95 -21.84
N LEU A 387 10.36 4.04 -21.72
CA LEU A 387 9.77 3.96 -20.36
C LEU A 387 9.54 2.53 -20.02
N MET A 388 9.31 1.73 -21.04
CA MET A 388 9.09 0.33 -20.79
C MET A 388 10.44 -0.29 -20.34
N ASP A 389 11.55 0.12 -20.98
CA ASP A 389 12.86 -0.38 -20.58
C ASP A 389 13.26 0.10 -19.19
N ALA A 390 12.97 1.37 -18.85
CA ALA A 390 13.36 1.81 -17.53
C ALA A 390 12.57 1.05 -16.46
N MET A 391 11.36 0.65 -16.81
CA MET A 391 10.45 -0.10 -15.96
C MET A 391 10.98 -1.51 -15.71
N ALA A 392 11.52 -2.14 -16.76
CA ALA A 392 12.08 -3.49 -16.69
C ALA A 392 13.34 -3.47 -15.80
N GLN A 393 14.14 -2.42 -15.97
CA GLN A 393 15.39 -2.21 -15.21
C GLN A 393 14.98 -1.97 -13.76
N ALA A 394 14.02 -1.06 -13.51
CA ALA A 394 13.61 -0.84 -12.09
C ALA A 394 12.99 -2.10 -11.52
N ASP A 395 12.15 -2.74 -12.30
CA ASP A 395 11.53 -3.96 -11.83
C ASP A 395 12.56 -5.07 -11.56
N SER A 396 13.64 -5.12 -12.37
CA SER A 396 14.63 -6.16 -12.12
C SER A 396 15.36 -5.86 -10.84
N THR A 397 15.29 -4.59 -10.39
CA THR A 397 16.02 -4.33 -9.18
C THR A 397 15.23 -4.71 -7.97
N GLY A 398 13.98 -5.11 -8.15
CA GLY A 398 13.13 -5.50 -6.98
C GLY A 398 11.83 -4.72 -6.87
N MET A 399 11.74 -3.59 -7.54
CA MET A 399 10.54 -2.78 -7.52
C MET A 399 9.57 -3.40 -8.49
N PHE A 400 8.32 -2.92 -8.44
CA PHE A 400 7.25 -3.36 -9.29
C PHE A 400 6.44 -2.01 -9.56
N ILE A 401 7.04 -1.17 -10.42
CA ILE A 401 6.54 0.15 -10.78
C ILE A 401 5.58 0.39 -11.96
N CYS A 402 5.01 1.61 -12.02
CA CYS A 402 4.04 2.01 -13.08
C CYS A 402 4.71 2.69 -14.26
N PRO A 403 4.08 2.70 -15.47
CA PRO A 403 4.73 3.38 -16.59
C PRO A 403 5.30 4.74 -16.24
N HIS A 404 4.51 5.57 -15.57
CA HIS A 404 5.01 6.91 -15.20
C HIS A 404 6.33 6.91 -14.44
N THR A 405 6.60 5.95 -13.57
CA THR A 405 7.90 5.94 -12.85
C THR A 405 8.98 5.66 -13.96
N GLY A 406 8.60 4.93 -15.02
CA GLY A 406 9.55 4.65 -16.07
C GLY A 406 9.92 5.98 -16.67
N VAL A 407 8.90 6.76 -16.98
CA VAL A 407 9.15 8.07 -17.57
C VAL A 407 10.06 8.87 -16.61
N ALA A 408 9.75 8.85 -15.29
CA ALA A 408 10.55 9.56 -14.30
C ALA A 408 11.98 9.13 -14.32
N LEU A 409 12.17 7.82 -14.23
CA LEU A 409 13.54 7.28 -14.25
C LEU A 409 14.19 7.57 -15.60
N THR A 410 13.42 7.60 -16.70
CA THR A 410 14.08 7.88 -17.99
C THR A 410 14.62 9.31 -17.93
N ALA A 411 13.80 10.19 -17.38
CA ALA A 411 14.14 11.57 -17.23
C ALA A 411 15.47 11.67 -16.46
N LEU A 412 15.58 10.86 -15.39
CA LEU A 412 16.73 10.79 -14.54
C LEU A 412 17.92 10.27 -15.30
N PHE A 413 17.79 9.09 -15.95
CA PHE A 413 18.96 8.61 -16.73
C PHE A 413 19.46 9.68 -17.70
N LYS A 414 18.55 10.46 -18.27
CA LYS A 414 18.98 11.47 -19.17
C LYS A 414 19.71 12.61 -18.44
N LEU A 415 19.02 13.26 -17.48
CA LEU A 415 19.60 14.39 -16.69
C LEU A 415 20.97 14.10 -16.05
N ARG A 416 21.21 12.81 -15.85
CA ARG A 416 22.42 12.25 -15.30
C ARG A 416 23.49 12.39 -16.36
N ASN A 417 23.20 12.03 -17.61
CA ASN A 417 24.26 12.16 -18.61
C ASN A 417 24.69 13.57 -18.88
N GLN A 418 23.75 14.50 -18.82
CA GLN A 418 24.05 15.92 -19.09
C GLN A 418 24.82 16.56 -17.90
N GLY A 419 25.04 15.80 -16.83
CA GLY A 419 25.75 16.27 -15.63
C GLY A 419 24.92 17.27 -14.83
N VAL A 420 23.62 17.28 -15.10
CA VAL A 420 22.66 18.15 -14.46
C VAL A 420 22.35 17.61 -13.06
N ILE A 421 22.33 16.29 -12.90
CA ILE A 421 22.08 15.72 -11.55
C ILE A 421 23.34 14.95 -11.19
N ALA A 422 24.11 15.42 -10.21
CA ALA A 422 25.35 14.74 -9.78
C ALA A 422 24.97 13.40 -9.08
N PRO A 423 25.96 12.50 -8.90
CA PRO A 423 25.82 11.19 -8.28
C PRO A 423 25.39 11.17 -6.80
N THR A 424 25.93 12.08 -6.00
CA THR A 424 25.62 12.20 -4.55
C THR A 424 24.36 13.00 -4.24
N ASP A 425 23.64 13.52 -5.28
CA ASP A 425 22.38 14.36 -5.16
C ASP A 425 21.09 13.66 -4.67
N ARG A 426 20.63 14.01 -3.48
CA ARG A 426 19.46 13.40 -2.94
C ARG A 426 18.23 13.58 -3.84
N THR A 427 17.89 12.56 -4.61
CA THR A 427 16.78 12.62 -5.53
C THR A 427 15.61 11.77 -5.19
N VAL A 428 14.40 12.33 -5.29
CA VAL A 428 13.19 11.60 -4.98
C VAL A 428 12.34 11.55 -6.26
N VAL A 429 11.84 10.34 -6.58
CA VAL A 429 11.04 10.10 -7.76
C VAL A 429 9.70 9.77 -7.22
N VAL A 430 8.67 10.45 -7.73
CA VAL A 430 7.32 10.21 -7.26
C VAL A 430 6.63 9.16 -8.11
N SER A 431 6.06 8.16 -7.44
CA SER A 431 5.38 7.11 -8.10
C SER A 431 3.94 7.32 -7.68
N THR A 432 3.08 7.56 -8.65
CA THR A 432 1.68 7.80 -8.37
C THR A 432 0.72 6.66 -8.47
N ALA A 433 1.12 5.46 -8.80
CA ALA A 433 0.08 4.40 -8.87
C ALA A 433 0.72 3.05 -8.64
N HIS A 434 0.08 2.17 -7.88
CA HIS A 434 0.65 0.87 -7.60
C HIS A 434 0.90 0.07 -8.89
N GLY A 435 1.99 -0.71 -8.93
CA GLY A 435 2.29 -1.50 -10.12
C GLY A 435 1.25 -2.58 -10.47
N LEU A 436 0.53 -3.04 -9.44
CA LEU A 436 -0.47 -4.04 -9.66
C LEU A 436 -1.47 -3.47 -10.60
N LYS A 437 -1.56 -2.16 -10.80
CA LYS A 437 -2.58 -1.72 -11.78
C LYS A 437 -2.04 -1.88 -13.21
N PHE A 438 -0.75 -2.19 -13.37
CA PHE A 438 -0.21 -2.27 -14.72
C PHE A 438 0.31 -3.56 -15.22
N THR A 439 -0.18 -4.66 -14.64
CA THR A 439 0.32 -5.94 -15.04
C THR A 439 0.29 -6.30 -16.50
N GLN A 440 -0.82 -6.02 -17.15
CA GLN A 440 -0.97 -6.36 -18.57
C GLN A 440 0.10 -5.70 -19.44
N SER A 441 0.68 -4.63 -18.92
CA SER A 441 1.73 -3.91 -19.63
C SER A 441 2.98 -4.73 -19.58
N LYS A 442 3.36 -5.16 -18.37
CA LYS A 442 4.55 -5.96 -18.14
C LYS A 442 4.35 -7.31 -18.79
N ILE A 443 3.13 -7.88 -18.76
CA ILE A 443 3.00 -9.16 -19.43
C ILE A 443 3.37 -9.01 -20.88
N ASP A 444 2.67 -8.15 -21.60
CA ASP A 444 3.01 -7.97 -22.96
C ASP A 444 4.53 -7.82 -23.18
N TYR A 445 5.21 -6.92 -22.46
CA TYR A 445 6.69 -6.66 -22.57
C TYR A 445 7.59 -7.90 -22.49
N HIS A 446 7.53 -8.58 -21.33
CA HIS A 446 8.28 -9.78 -21.05
C HIS A 446 8.05 -10.92 -22.01
N SER A 447 6.87 -10.94 -22.65
CA SER A 447 6.60 -12.00 -23.62
C SER A 447 6.81 -11.44 -25.05
N ASN A 448 7.62 -10.37 -25.15
CA ASN A 448 7.94 -9.67 -26.46
C ASN A 448 6.77 -9.53 -27.41
N ALA A 449 5.59 -9.21 -26.86
CA ALA A 449 4.36 -9.05 -27.60
C ALA A 449 3.95 -7.59 -27.97
N ILE A 450 4.75 -6.58 -27.60
CA ILE A 450 4.47 -5.16 -27.89
C ILE A 450 5.09 -4.65 -29.21
N PRO A 451 4.22 -4.21 -30.15
CA PRO A 451 4.61 -3.69 -31.47
C PRO A 451 5.49 -2.42 -31.38
N ASP A 452 6.46 -2.28 -32.32
CA ASP A 452 7.40 -1.11 -32.38
C ASP A 452 8.37 -1.12 -31.21
N MET A 453 8.59 -2.26 -30.58
CA MET A 453 9.48 -2.15 -29.45
C MET A 453 10.30 -3.40 -29.30
N ALA A 454 11.58 -3.22 -29.01
CA ALA A 454 12.43 -4.37 -28.87
C ALA A 454 12.09 -5.17 -27.60
N CYS A 455 11.95 -4.52 -26.44
CA CYS A 455 11.65 -5.28 -25.21
C CYS A 455 12.87 -6.10 -24.89
N ARG A 456 14.01 -5.44 -25.06
CA ARG A 456 15.28 -6.05 -24.82
C ARG A 456 15.50 -6.64 -23.42
N PHE A 457 14.95 -6.03 -22.36
CA PHE A 457 15.18 -6.60 -21.04
C PHE A 457 14.12 -7.59 -20.59
N SER A 458 13.41 -8.20 -21.54
CA SER A 458 12.39 -9.16 -21.17
C SER A 458 12.97 -10.41 -20.55
N ASN A 459 12.26 -11.03 -19.63
CA ASN A 459 12.71 -12.24 -18.93
C ASN A 459 11.70 -13.38 -19.05
N PRO A 460 11.46 -13.89 -20.24
CA PRO A 460 10.46 -14.97 -20.18
C PRO A 460 11.00 -16.23 -19.54
N PRO A 461 10.10 -17.11 -19.12
CA PRO A 461 10.36 -18.38 -18.51
C PRO A 461 11.27 -19.13 -19.47
N VAL A 462 12.07 -20.07 -18.97
CA VAL A 462 13.01 -20.84 -19.79
C VAL A 462 12.58 -22.29 -19.96
N ASP A 463 12.36 -22.74 -21.18
CA ASP A 463 11.94 -24.15 -21.43
C ASP A 463 13.03 -25.22 -21.24
N VAL A 464 12.71 -26.31 -20.53
CA VAL A 464 13.73 -27.35 -20.31
C VAL A 464 13.16 -28.79 -20.23
N LYS A 465 13.91 -29.78 -20.71
CA LYS A 465 13.44 -31.18 -20.63
C LYS A 465 13.44 -31.60 -19.14
N ALA A 466 12.60 -32.59 -18.83
CA ALA A 466 12.46 -33.13 -17.49
C ALA A 466 13.59 -34.09 -17.23
N ASP A 467 14.81 -33.65 -17.53
CA ASP A 467 16.01 -34.47 -17.36
C ASP A 467 16.96 -33.80 -16.41
N PHE A 468 17.40 -34.56 -15.39
CA PHE A 468 18.32 -34.01 -14.38
C PHE A 468 19.46 -33.16 -14.89
N GLY A 469 20.30 -33.77 -15.72
CA GLY A 469 21.47 -33.15 -16.33
C GLY A 469 21.16 -31.93 -17.14
N ALA A 470 20.09 -31.98 -17.92
CA ALA A 470 19.70 -30.85 -18.73
C ALA A 470 19.48 -29.66 -17.77
N VAL A 471 18.65 -29.90 -16.77
CA VAL A 471 18.34 -28.87 -15.80
C VAL A 471 19.62 -28.37 -15.11
N MET A 472 20.53 -29.27 -14.77
CA MET A 472 21.77 -28.80 -14.14
C MET A 472 22.54 -27.81 -15.00
N ASP A 473 22.34 -27.92 -16.33
CA ASP A 473 22.99 -27.05 -17.32
C ASP A 473 22.27 -25.73 -17.33
N VAL A 474 21.01 -25.67 -17.77
CA VAL A 474 20.35 -24.36 -17.73
C VAL A 474 20.83 -23.60 -16.47
N LEU A 475 20.85 -24.30 -15.32
CA LEU A 475 21.28 -23.72 -14.05
C LEU A 475 22.73 -23.29 -13.93
N LYS A 476 23.67 -24.21 -14.21
CA LYS A 476 25.11 -23.93 -14.15
C LYS A 476 25.45 -22.62 -14.88
N SER A 477 25.07 -22.48 -16.16
CA SER A 477 25.35 -21.26 -16.95
C SER A 477 24.73 -20.08 -16.23
N TYR A 478 23.40 -19.92 -16.33
CA TYR A 478 22.72 -18.83 -15.66
C TYR A 478 23.63 -18.29 -14.58
N LEU A 479 23.63 -18.97 -13.43
CA LEU A 479 24.42 -18.66 -12.24
C LEU A 479 25.88 -18.33 -12.59
N GLY A 480 26.69 -19.31 -12.99
CA GLY A 480 28.10 -19.10 -13.35
C GLY A 480 29.15 -20.02 -12.70
N SER A 481 30.38 -19.98 -13.27
CA SER A 481 31.66 -20.71 -12.91
C SER A 481 32.79 -20.36 -13.88
N GLU B 21 22.60 3.08 4.89
CA GLU B 21 23.54 2.06 5.45
C GLU B 21 24.71 2.59 6.25
N ASP B 22 25.41 3.60 5.71
CA ASP B 22 26.56 4.18 6.41
C ASP B 22 26.24 4.97 7.69
N ASN B 23 24.97 5.29 7.94
CA ASN B 23 24.59 6.03 9.16
C ASN B 23 24.87 5.23 10.43
N ILE B 24 23.89 4.47 10.97
CA ILE B 24 24.21 3.69 12.19
C ILE B 24 25.35 2.74 11.77
N ARG B 25 26.59 3.16 12.08
CA ARG B 25 27.78 2.38 11.74
C ARG B 25 29.03 3.18 12.13
N ARG B 32 27.80 3.35 17.28
CA ARG B 32 28.72 2.80 16.27
C ARG B 32 29.19 1.37 16.65
N SER B 33 30.43 1.16 17.11
CA SER B 33 30.86 -0.20 17.50
C SER B 33 30.24 -0.62 18.84
N ASN B 34 29.67 0.37 19.54
CA ASN B 34 29.00 0.27 20.86
C ASN B 34 28.57 -1.15 21.32
N ALA B 35 27.96 -1.88 20.37
CA ALA B 35 27.46 -3.25 20.55
C ALA B 35 28.40 -4.41 20.94
N VAL B 36 27.94 -5.10 21.96
CA VAL B 36 28.51 -6.27 22.59
C VAL B 36 27.02 -6.57 22.62
N ASN B 37 26.57 -7.22 21.57
CA ASN B 37 25.19 -7.55 21.39
C ASN B 37 24.64 -8.50 22.45
N PRO B 38 23.82 -7.97 23.39
CA PRO B 38 23.26 -8.83 24.45
C PRO B 38 22.23 -9.81 24.01
N PHE B 39 21.59 -9.55 22.86
CA PHE B 39 20.52 -10.41 22.34
C PHE B 39 20.92 -11.60 21.47
N SER B 40 20.00 -12.54 21.31
CA SER B 40 20.25 -13.74 20.53
C SER B 40 19.02 -14.57 20.35
N ALA B 41 19.13 -15.48 19.37
CA ALA B 41 18.04 -16.38 19.03
C ALA B 41 18.51 -17.66 18.31
N LYS B 42 17.70 -18.70 18.38
CA LYS B 42 18.01 -20.01 17.73
C LYS B 42 16.76 -20.87 17.45
N TYR B 43 16.91 -22.00 16.77
CA TYR B 43 15.70 -22.80 16.51
C TYR B 43 15.51 -23.88 17.59
N VAL B 44 14.30 -24.02 18.10
CA VAL B 44 14.02 -25.03 19.11
C VAL B 44 12.81 -25.72 18.54
N PRO B 45 12.54 -26.97 18.96
CA PRO B 45 11.36 -27.61 18.40
C PRO B 45 10.12 -26.86 18.86
N PHE B 46 9.13 -26.75 18.00
CA PHE B 46 7.89 -26.07 18.34
C PHE B 46 7.23 -26.71 19.53
N ASN B 47 6.97 -25.88 20.54
CA ASN B 47 6.33 -26.31 21.82
C ASN B 47 7.14 -27.50 22.35
N ALA B 48 8.41 -27.25 22.63
CA ALA B 48 9.35 -28.24 23.13
C ALA B 48 8.95 -28.86 24.45
N ALA B 49 9.19 -30.15 24.59
CA ALA B 49 8.86 -30.81 25.85
C ALA B 49 9.60 -30.03 26.95
N PRO B 50 9.07 -30.02 28.19
CA PRO B 50 9.69 -29.32 29.34
C PRO B 50 11.18 -29.71 29.54
N GLY B 51 12.10 -28.78 29.30
CA GLY B 51 13.55 -29.03 29.45
C GLY B 51 14.13 -29.76 28.25
N SER B 52 14.72 -29.03 27.31
CA SER B 52 15.28 -29.64 26.11
C SER B 52 16.61 -29.07 25.58
N THR B 53 17.65 -29.89 25.44
CA THR B 53 18.90 -29.33 24.89
C THR B 53 18.82 -29.10 23.39
N GLU B 54 17.75 -29.61 22.78
CA GLU B 54 17.53 -29.48 21.36
C GLU B 54 17.32 -28.04 20.94
N SER B 55 18.32 -27.58 20.19
CA SER B 55 18.39 -26.23 19.66
C SER B 55 19.45 -26.17 18.57
N TYR B 56 19.10 -25.62 17.42
CA TYR B 56 20.04 -25.52 16.31
C TYR B 56 20.40 -24.05 16.08
N SER B 57 21.56 -23.75 15.48
CA SER B 57 21.87 -22.35 15.25
C SER B 57 21.11 -21.89 14.01
N LEU B 58 20.63 -20.68 14.12
CA LEU B 58 19.90 -20.01 13.13
C LEU B 58 20.76 -19.88 11.87
N ASP B 59 22.07 -20.02 12.02
CA ASP B 59 22.99 -19.92 10.90
C ASP B 59 22.95 -21.20 10.12
N GLU B 60 22.53 -22.27 10.77
CA GLU B 60 22.47 -23.53 10.06
C GLU B 60 21.23 -23.55 9.18
N ILE B 61 21.20 -24.50 8.27
CA ILE B 61 20.08 -24.62 7.40
C ILE B 61 19.48 -25.91 7.97
N VAL B 62 18.42 -25.77 8.78
CA VAL B 62 17.77 -26.95 9.38
C VAL B 62 16.35 -26.95 8.81
N TYR B 63 15.52 -27.94 9.13
CA TYR B 63 14.15 -27.93 8.56
C TYR B 63 13.11 -28.71 9.37
N ARG B 64 13.60 -29.68 10.13
CA ARG B 64 12.78 -30.53 10.96
C ARG B 64 13.50 -30.59 12.30
N SER B 65 12.83 -31.06 13.35
CA SER B 65 13.47 -31.15 14.66
C SER B 65 13.98 -32.56 14.69
N ARG B 66 14.14 -33.15 15.85
CA ARG B 66 14.62 -34.46 15.77
C ARG B 66 13.47 -35.46 15.55
N SER B 67 12.26 -35.10 15.98
CA SER B 67 11.09 -35.97 15.81
C SER B 67 10.60 -35.98 14.39
N GLY B 68 11.08 -35.01 13.61
CA GLY B 68 10.68 -34.90 12.23
C GLY B 68 9.70 -33.75 12.34
N GLY B 69 9.48 -33.30 13.59
CA GLY B 69 8.58 -32.18 13.91
C GLY B 69 9.10 -30.82 13.51
N LEU B 70 8.27 -29.80 13.74
CA LEU B 70 8.58 -28.40 13.41
C LEU B 70 9.58 -27.68 14.31
N LEU B 71 10.04 -26.52 13.83
CA LEU B 71 10.99 -25.66 14.53
C LEU B 71 10.39 -24.31 14.81
N ASP B 72 11.00 -23.58 15.71
CA ASP B 72 10.45 -22.30 16.03
C ASP B 72 11.62 -21.39 16.40
N VAL B 73 11.52 -20.09 16.20
CA VAL B 73 12.60 -19.22 16.56
C VAL B 73 12.31 -18.72 17.97
N GLU B 74 13.12 -19.21 18.89
CA GLU B 74 12.99 -18.83 20.28
C GLU B 74 14.00 -17.74 20.59
N HIS B 75 13.54 -16.64 21.12
CA HIS B 75 14.47 -15.61 21.47
C HIS B 75 14.84 -15.82 22.93
N ASP B 76 16.00 -15.30 23.31
CA ASP B 76 16.49 -15.42 24.66
C ASP B 76 15.80 -14.38 25.49
N MET B 77 14.70 -14.80 26.08
CA MET B 77 13.85 -13.99 26.92
C MET B 77 14.54 -13.46 28.13
N GLU B 78 15.67 -14.06 28.43
CA GLU B 78 16.49 -13.70 29.59
C GLU B 78 17.08 -12.28 29.44
N ALA B 79 17.91 -12.13 28.40
CA ALA B 79 18.59 -10.88 28.09
C ALA B 79 17.55 -9.78 27.85
N LEU B 80 16.55 -10.08 27.02
CA LEU B 80 15.46 -9.15 26.70
C LEU B 80 14.73 -8.62 27.93
N LYS B 81 14.67 -9.37 29.03
CA LYS B 81 13.97 -8.90 30.21
C LYS B 81 14.72 -7.91 31.10
N ARG B 82 16.02 -7.73 30.85
CA ARG B 82 16.82 -6.78 31.63
C ARG B 82 16.34 -5.35 31.33
N PHE B 83 15.48 -5.25 30.31
CA PHE B 83 14.89 -3.98 29.88
C PHE B 83 13.35 -4.13 30.11
N ASP B 84 12.66 -3.14 30.70
CA ASP B 84 11.20 -3.35 30.89
C ASP B 84 10.29 -2.99 29.67
N GLY B 85 8.98 -3.06 29.90
CA GLY B 85 7.91 -2.80 28.95
C GLY B 85 8.05 -1.37 28.51
N ALA B 86 8.18 -0.47 29.48
CA ALA B 86 8.34 0.95 29.23
C ALA B 86 9.49 1.11 28.25
N TYR B 87 10.63 0.48 28.53
CA TYR B 87 11.83 0.55 27.65
C TYR B 87 11.50 0.09 26.25
N TRP B 88 10.71 -0.98 26.15
CA TRP B 88 10.37 -1.43 24.80
C TRP B 88 9.35 -0.55 24.11
N ARG B 89 8.33 -0.11 24.82
CA ARG B 89 7.37 0.73 24.12
C ARG B 89 8.03 2.02 23.67
N ASP B 90 8.90 2.58 24.49
CA ASP B 90 9.55 3.80 24.13
C ASP B 90 10.49 3.63 22.95
N LEU B 91 11.37 2.65 23.04
CA LEU B 91 12.33 2.43 21.97
C LEU B 91 11.64 2.21 20.60
N PHE B 92 10.60 1.35 20.54
CA PHE B 92 10.00 1.18 19.19
C PHE B 92 9.31 2.47 18.71
N ASP B 93 8.55 3.12 19.58
CA ASP B 93 7.89 4.35 19.23
C ASP B 93 8.92 5.38 18.68
N SER B 94 10.14 5.44 19.23
CA SER B 94 11.14 6.40 18.72
C SER B 94 11.57 6.12 17.25
N ARG B 95 11.28 4.92 16.75
CA ARG B 95 11.64 4.54 15.37
C ARG B 95 10.57 4.86 14.34
N VAL B 96 9.37 5.11 14.84
CA VAL B 96 8.23 5.44 13.98
C VAL B 96 8.45 6.77 13.27
N GLY B 97 8.27 6.69 11.94
CA GLY B 97 8.42 7.82 11.01
C GLY B 97 9.86 7.96 10.55
N LYS B 98 10.73 7.16 11.15
CA LYS B 98 12.14 7.18 10.81
C LYS B 98 12.48 6.71 9.42
N SER B 99 13.52 7.29 8.83
CA SER B 99 13.99 6.92 7.49
C SER B 99 15.41 6.42 7.64
N THR B 100 15.79 6.00 8.84
CA THR B 100 17.14 5.50 9.11
C THR B 100 17.26 4.07 8.60
N TRP B 101 18.47 3.71 8.16
CA TRP B 101 18.72 2.39 7.63
C TRP B 101 17.91 1.16 8.05
N PRO B 102 18.13 0.58 9.23
CA PRO B 102 17.14 -0.52 9.16
C PRO B 102 15.71 -0.04 9.55
N TYR B 103 15.71 0.84 10.52
CA TYR B 103 14.51 1.41 11.13
C TYR B 103 13.30 1.90 10.36
N GLY B 104 13.48 2.30 9.09
CA GLY B 104 12.36 2.76 8.29
C GLY B 104 11.35 1.59 8.31
N SER B 105 11.85 0.37 8.23
CA SER B 105 11.04 -0.85 8.23
C SER B 105 10.21 -1.20 9.42
N GLY B 106 8.95 -1.57 9.16
CA GLY B 106 8.01 -1.98 10.25
C GLY B 106 8.42 -3.29 10.92
N VAL B 107 9.37 -3.99 10.33
CA VAL B 107 9.86 -5.23 10.86
C VAL B 107 11.21 -4.98 11.49
N TRP B 108 12.01 -4.13 10.86
CA TRP B 108 13.34 -3.85 11.43
C TRP B 108 13.30 -2.89 12.61
N SER B 109 12.19 -2.17 12.70
CA SER B 109 12.02 -1.22 13.80
C SER B 109 11.99 -2.08 15.03
N LYS B 110 11.64 -3.35 14.84
CA LYS B 110 11.58 -4.33 15.93
C LYS B 110 12.71 -5.34 15.85
N LYS B 111 13.85 -4.94 15.29
CA LYS B 111 14.98 -5.84 15.12
C LYS B 111 15.35 -6.73 16.31
N GLU B 112 15.56 -6.09 17.43
CA GLU B 112 15.95 -6.78 18.63
C GLU B 112 15.15 -8.05 18.83
N TRP B 113 13.90 -8.07 18.44
CA TRP B 113 13.04 -9.25 18.60
C TRP B 113 12.83 -10.02 17.33
N VAL B 114 13.61 -9.71 16.29
CA VAL B 114 13.44 -10.41 14.99
C VAL B 114 14.64 -11.26 14.52
N LEU B 115 15.84 -10.68 14.42
CA LEU B 115 17.08 -11.36 14.04
C LEU B 115 17.99 -10.48 14.73
N PRO B 116 18.19 -10.71 16.02
CA PRO B 116 19.08 -9.77 16.72
C PRO B 116 20.54 -9.83 16.38
N GLU B 117 20.95 -10.87 15.69
CA GLU B 117 22.34 -10.87 15.44
C GLU B 117 22.75 -10.50 14.07
N ILE B 118 21.80 -10.23 13.20
CA ILE B 118 22.25 -9.89 11.86
C ILE B 118 22.92 -8.50 11.79
N ASP B 119 23.93 -8.36 10.94
CA ASP B 119 24.63 -7.06 10.74
C ASP B 119 23.66 -6.19 9.88
N ASP B 120 23.69 -4.88 10.09
CA ASP B 120 22.82 -3.97 9.32
C ASP B 120 23.14 -3.99 7.83
N ASP B 121 24.38 -4.31 7.51
CA ASP B 121 24.84 -4.37 6.13
C ASP B 121 24.31 -5.56 5.37
N ASP B 122 23.75 -6.50 6.10
CA ASP B 122 23.22 -7.69 5.50
C ASP B 122 21.77 -7.62 5.14
N ILE B 123 20.95 -7.03 6.00
CA ILE B 123 19.52 -6.89 5.78
C ILE B 123 19.17 -6.42 4.36
N VAL B 124 18.07 -6.96 3.83
CA VAL B 124 17.55 -6.61 2.49
C VAL B 124 16.14 -6.18 2.90
N SER B 125 15.82 -4.93 2.64
CA SER B 125 14.54 -4.40 3.02
C SER B 125 14.05 -3.37 2.01
N ALA B 126 12.75 -3.20 1.94
CA ALA B 126 12.20 -2.26 1.02
C ALA B 126 11.31 -1.38 1.93
N PHE B 127 11.63 -1.37 3.20
CA PHE B 127 10.84 -0.61 4.18
C PHE B 127 9.38 -1.07 4.29
N GLU B 128 9.20 -2.37 4.16
CA GLU B 128 7.91 -3.00 4.30
C GLU B 128 7.47 -2.69 5.77
N GLY B 129 6.22 -3.01 6.10
CA GLY B 129 5.66 -2.79 7.43
C GLY B 129 4.96 -1.44 7.56
N ASN B 130 4.64 -1.03 8.78
CA ASN B 130 3.99 0.24 8.93
C ASN B 130 2.83 0.29 8.00
N SER B 131 2.06 -0.80 8.04
CA SER B 131 0.88 -0.87 7.18
C SER B 131 -0.34 -0.21 7.83
N ASN B 132 -1.14 0.36 6.94
CA ASN B 132 -2.37 1.07 7.15
C ASN B 132 -3.26 0.24 8.13
N LEU B 133 -3.89 0.89 9.13
CA LEU B 133 -4.79 0.25 10.10
C LEU B 133 -5.95 1.19 9.86
N PHE B 134 -6.96 0.71 9.13
CA PHE B 134 -8.18 1.41 8.72
C PHE B 134 -9.38 1.22 9.62
N TRP B 135 -10.13 2.28 9.91
CA TRP B 135 -11.32 2.18 10.75
C TRP B 135 -12.57 1.95 9.89
N ALA B 136 -13.12 0.76 9.96
CA ALA B 136 -14.25 0.45 9.18
C ALA B 136 -15.50 1.04 9.81
N GLU B 137 -15.44 2.35 9.97
CA GLU B 137 -16.55 3.05 10.55
C GLU B 137 -17.88 2.74 9.97
N ARG B 138 -18.02 2.91 8.66
CA ARG B 138 -19.32 2.69 7.99
C ARG B 138 -19.80 1.25 7.95
N PHE B 139 -18.95 0.31 7.58
CA PHE B 139 -19.28 -1.10 7.52
C PHE B 139 -19.59 -1.62 8.91
N GLY B 140 -18.72 -1.27 9.88
CA GLY B 140 -18.92 -1.70 11.27
C GLY B 140 -20.34 -1.36 11.73
N LYS B 141 -20.68 -0.05 11.72
CA LYS B 141 -22.01 0.44 12.16
C LYS B 141 -23.16 -0.01 11.33
N GLN B 142 -23.07 0.12 10.00
CA GLN B 142 -24.20 -0.29 9.17
C GLN B 142 -24.46 -1.77 9.04
N PHE B 143 -23.43 -2.60 9.17
CA PHE B 143 -23.67 -4.05 9.05
C PHE B 143 -23.58 -4.90 10.31
N LEU B 144 -22.86 -4.44 11.34
CA LEU B 144 -22.72 -5.25 12.57
C LEU B 144 -23.14 -4.56 13.86
N GLY B 145 -23.13 -3.25 13.90
CA GLY B 145 -23.53 -2.55 15.12
C GLY B 145 -22.32 -2.39 16.00
N MET B 146 -21.15 -2.42 15.34
CA MET B 146 -19.87 -2.29 16.00
C MET B 146 -19.31 -0.94 15.73
N ASN B 147 -18.68 -0.33 16.71
CA ASN B 147 -18.08 1.01 16.53
C ASN B 147 -16.56 1.00 16.55
N ASP B 148 -15.92 -0.13 16.77
CA ASP B 148 -14.47 0.00 16.80
C ASP B 148 -13.91 -1.18 16.01
N LEU B 149 -14.36 -1.34 14.75
CA LEU B 149 -13.91 -2.42 13.90
C LEU B 149 -12.85 -1.77 13.04
N TRP B 150 -11.68 -2.42 12.98
CA TRP B 150 -10.50 -1.98 12.20
C TRP B 150 -10.04 -3.11 11.30
N VAL B 151 -9.53 -2.74 10.13
CA VAL B 151 -9.02 -3.69 9.15
C VAL B 151 -7.54 -3.30 9.05
N LYS B 152 -6.65 -4.27 9.22
CA LYS B 152 -5.20 -4.05 9.15
C LYS B 152 -4.91 -4.54 7.79
N HIS B 153 -4.58 -3.61 6.89
CA HIS B 153 -4.26 -3.90 5.49
C HIS B 153 -2.81 -4.35 5.28
N CYS B 154 -2.47 -5.59 5.59
CA CYS B 154 -1.07 -6.06 5.40
C CYS B 154 -0.73 -6.21 3.94
N GLY B 155 -1.76 -6.18 3.12
CA GLY B 155 -1.64 -6.32 1.68
C GLY B 155 -1.30 -5.09 0.92
N ILE B 156 -1.62 -3.95 1.49
CA ILE B 156 -1.29 -2.71 0.82
C ILE B 156 0.21 -2.59 1.02
N SER B 157 1.01 -3.07 0.07
CA SER B 157 2.46 -2.97 0.16
C SER B 157 3.16 -3.22 -1.14
N HIS B 158 4.47 -3.16 -1.04
CA HIS B 158 5.47 -3.36 -2.13
C HIS B 158 4.91 -4.51 -3.00
N THR B 159 4.88 -5.75 -2.50
CA THR B 159 4.34 -6.91 -3.25
C THR B 159 2.82 -7.12 -3.36
N GLY B 160 2.04 -6.50 -2.49
CA GLY B 160 0.69 -6.73 -2.59
C GLY B 160 0.29 -7.74 -1.53
N SER B 161 1.21 -8.15 -0.61
CA SER B 161 0.87 -9.10 0.49
C SER B 161 1.75 -9.14 1.75
N PHE B 162 1.15 -9.75 2.76
CA PHE B 162 1.63 -10.04 4.10
C PHE B 162 3.01 -10.70 3.95
N LYS B 163 3.19 -11.51 2.94
CA LYS B 163 4.47 -12.15 2.75
C LYS B 163 5.72 -11.30 2.77
N ASP B 164 5.63 -9.99 2.52
CA ASP B 164 6.82 -9.11 2.55
C ASP B 164 7.46 -9.19 3.94
N LEU B 165 6.62 -9.16 4.95
CA LEU B 165 7.05 -9.22 6.33
C LEU B 165 7.97 -10.38 6.53
N GLY B 166 7.53 -11.55 6.07
CA GLY B 166 8.29 -12.77 6.17
C GLY B 166 9.50 -12.83 5.25
N MET B 167 9.33 -12.40 3.99
CA MET B 167 10.49 -12.49 3.12
C MET B 167 11.62 -11.55 3.46
N THR B 168 11.31 -10.43 4.12
CA THR B 168 12.44 -9.57 4.42
C THR B 168 13.39 -10.30 5.38
N VAL B 169 12.81 -11.03 6.32
CA VAL B 169 13.63 -11.76 7.25
C VAL B 169 14.37 -12.93 6.57
N LEU B 170 13.64 -13.79 5.89
CA LEU B 170 14.24 -14.92 5.19
C LEU B 170 15.32 -14.37 4.29
N VAL B 171 14.98 -13.62 3.28
CA VAL B 171 16.05 -13.10 2.41
C VAL B 171 17.21 -12.44 3.19
N SER B 172 16.92 -11.77 4.31
CA SER B 172 18.02 -11.19 5.03
C SER B 172 18.94 -12.27 5.52
N GLN B 173 18.41 -13.22 6.28
CA GLN B 173 19.20 -14.33 6.83
C GLN B 173 19.88 -15.08 5.70
N VAL B 174 19.17 -15.30 4.59
CA VAL B 174 19.85 -15.98 3.53
C VAL B 174 20.99 -15.06 3.16
N ASN B 175 20.70 -13.78 2.89
CA ASN B 175 21.81 -12.85 2.49
C ASN B 175 23.09 -13.00 3.38
N ARG B 176 22.90 -13.02 4.69
CA ARG B 176 23.95 -13.15 5.68
C ARG B 176 24.84 -14.36 5.53
N LEU B 177 24.22 -15.54 5.43
CA LEU B 177 24.94 -16.82 5.26
C LEU B 177 25.75 -16.68 4.01
N ARG B 178 25.11 -16.28 2.94
CA ARG B 178 25.80 -16.08 1.68
C ARG B 178 27.04 -15.15 1.84
N LYS B 179 26.80 -13.86 2.17
CA LYS B 179 27.82 -12.79 2.38
C LYS B 179 29.11 -13.33 2.92
N MET B 180 29.00 -14.33 3.80
CA MET B 180 30.14 -15.00 4.43
C MET B 180 30.60 -15.97 3.35
N LYS B 181 31.08 -15.43 2.21
CA LYS B 181 31.54 -16.28 1.10
C LYS B 181 31.07 -17.69 1.37
N ARG B 182 29.77 -17.82 1.60
CA ARG B 182 29.20 -19.14 1.86
C ARG B 182 28.40 -19.70 0.69
N PRO B 183 28.65 -21.00 0.40
CA PRO B 183 27.93 -21.58 -0.68
C PRO B 183 26.43 -21.52 -0.42
N VAL B 184 25.81 -20.64 -1.22
CA VAL B 184 24.39 -20.28 -1.35
C VAL B 184 24.42 -19.61 -2.71
N VAL B 185 24.20 -20.40 -3.75
CA VAL B 185 24.22 -19.89 -5.09
C VAL B 185 22.88 -19.35 -5.45
N GLY B 186 21.88 -19.59 -4.64
CA GLY B 186 20.58 -19.06 -4.99
C GLY B 186 19.52 -19.62 -4.10
N VAL B 187 18.33 -19.03 -4.23
CA VAL B 187 17.14 -19.41 -3.48
C VAL B 187 16.19 -20.01 -4.51
N GLY B 188 15.42 -21.01 -4.11
CA GLY B 188 14.51 -21.63 -5.05
C GLY B 188 13.13 -21.81 -4.49
N CYS B 189 12.17 -21.90 -5.40
CA CYS B 189 10.80 -22.06 -5.01
C CYS B 189 9.98 -22.81 -6.05
N ALA B 190 8.85 -23.39 -5.67
CA ALA B 190 8.01 -24.10 -6.65
C ALA B 190 6.54 -23.67 -6.50
N SER B 191 6.36 -22.37 -6.24
CA SER B 191 5.10 -21.60 -6.02
C SER B 191 4.75 -20.60 -7.12
N THR B 192 3.45 -20.49 -7.49
CA THR B 192 3.07 -19.50 -8.54
C THR B 192 2.40 -18.29 -7.83
N GLY B 193 2.08 -18.43 -6.54
CA GLY B 193 1.44 -17.39 -5.73
C GLY B 193 2.26 -16.20 -5.19
N ASP B 194 1.84 -15.74 -3.99
CA ASP B 194 2.39 -14.61 -3.20
C ASP B 194 3.78 -14.87 -2.63
N THR B 195 4.00 -16.05 -2.05
CA THR B 195 5.33 -16.35 -1.52
C THR B 195 6.42 -16.13 -2.56
N SER B 196 6.15 -16.58 -3.76
CA SER B 196 7.07 -16.45 -4.85
C SER B 196 7.27 -14.97 -5.28
N ALA B 197 6.22 -14.19 -5.30
CA ALA B 197 6.33 -12.80 -5.69
C ALA B 197 7.18 -12.02 -4.69
N ALA B 198 6.91 -12.24 -3.41
CA ALA B 198 7.60 -11.58 -2.34
C ALA B 198 9.05 -12.02 -2.40
N LEU B 199 9.24 -13.33 -2.48
CA LEU B 199 10.58 -13.91 -2.54
C LEU B 199 11.49 -13.38 -3.64
N SER B 200 10.96 -13.27 -4.86
CA SER B 200 11.77 -12.80 -5.97
C SER B 200 12.05 -11.33 -5.93
N ALA B 201 11.20 -10.62 -5.21
CA ALA B 201 11.37 -9.17 -5.06
C ALA B 201 12.58 -8.98 -4.16
N TYR B 202 12.56 -9.58 -2.97
CA TYR B 202 13.67 -9.43 -2.01
C TYR B 202 14.97 -9.91 -2.57
N CYS B 203 14.93 -11.06 -3.27
CA CYS B 203 16.16 -11.61 -3.87
C CYS B 203 16.72 -10.65 -4.90
N ALA B 204 15.86 -10.07 -5.72
CA ALA B 204 16.36 -9.16 -6.72
C ALA B 204 17.06 -7.95 -6.15
N SER B 205 16.49 -7.35 -5.11
CA SER B 205 17.13 -6.16 -4.55
C SER B 205 18.51 -6.45 -4.01
N ALA B 206 18.68 -7.70 -3.59
CA ALA B 206 19.90 -8.22 -3.04
C ALA B 206 20.86 -8.82 -4.10
N GLY B 207 20.41 -9.06 -5.32
CA GLY B 207 21.29 -9.65 -6.35
C GLY B 207 21.48 -11.14 -6.02
N ILE B 208 20.46 -11.74 -5.43
CA ILE B 208 20.52 -13.14 -5.07
C ILE B 208 19.65 -13.89 -6.06
N PRO B 209 20.24 -14.70 -6.95
CA PRO B 209 19.39 -15.46 -7.87
C PRO B 209 18.14 -16.11 -7.22
N SER B 210 17.01 -16.03 -7.92
CA SER B 210 15.81 -16.61 -7.45
C SER B 210 15.39 -17.64 -8.53
N ILE B 211 15.05 -18.85 -8.12
CA ILE B 211 14.69 -19.84 -9.09
C ILE B 211 13.32 -20.43 -8.84
N VAL B 212 12.45 -20.34 -9.84
CA VAL B 212 11.11 -20.87 -9.73
C VAL B 212 11.09 -22.13 -10.61
N PHE B 213 10.74 -23.27 -10.02
CA PHE B 213 10.67 -24.53 -10.71
C PHE B 213 9.24 -24.92 -10.90
N LEU B 214 8.82 -25.07 -12.17
CA LEU B 214 7.45 -25.43 -12.46
C LEU B 214 7.10 -26.30 -13.60
N PRO B 215 5.97 -27.01 -13.43
CA PRO B 215 5.48 -27.87 -14.44
C PRO B 215 4.97 -26.97 -15.58
N ALA B 216 5.38 -27.31 -16.80
CA ALA B 216 5.01 -26.57 -18.01
C ALA B 216 3.53 -26.24 -18.12
N ASN B 217 2.68 -27.06 -17.54
CA ASN B 217 1.21 -26.90 -17.54
C ASN B 217 0.64 -25.99 -16.42
N LYS B 218 1.53 -25.32 -15.67
CA LYS B 218 1.09 -24.43 -14.60
C LYS B 218 1.65 -23.04 -14.86
N ILE B 219 2.41 -22.89 -15.95
CA ILE B 219 2.99 -21.59 -16.29
C ILE B 219 1.84 -20.63 -16.67
N SER B 220 2.03 -19.37 -16.33
CA SER B 220 1.04 -18.38 -16.61
C SER B 220 1.79 -17.09 -16.44
N MET B 221 1.90 -16.36 -17.53
CA MET B 221 2.59 -15.08 -17.51
C MET B 221 1.88 -14.16 -16.51
N ALA B 222 0.56 -14.39 -16.43
CA ALA B 222 -0.36 -13.68 -15.56
C ALA B 222 0.01 -13.91 -14.11
N GLN B 223 -0.06 -15.15 -13.66
CA GLN B 223 0.27 -15.46 -12.28
C GLN B 223 1.77 -15.32 -11.98
N LEU B 224 2.64 -15.15 -12.97
CA LEU B 224 4.03 -15.06 -12.57
C LEU B 224 4.55 -13.74 -12.94
N VAL B 225 3.61 -12.83 -13.18
CA VAL B 225 3.99 -11.48 -13.60
C VAL B 225 5.06 -10.85 -12.71
N GLN B 226 4.89 -10.85 -11.37
CA GLN B 226 5.88 -10.25 -10.49
C GLN B 226 7.25 -11.01 -10.53
N PRO B 227 7.31 -12.32 -10.17
CA PRO B 227 8.66 -12.94 -10.26
C PRO B 227 9.27 -12.59 -11.63
N ILE B 228 8.59 -12.89 -12.74
CA ILE B 228 9.11 -12.54 -14.08
C ILE B 228 9.72 -11.12 -14.15
N ALA B 229 8.94 -10.12 -13.72
CA ALA B 229 9.33 -8.71 -13.74
C ALA B 229 10.53 -8.47 -12.89
N ASN B 230 10.59 -9.26 -11.82
CA ASN B 230 11.67 -9.19 -10.89
C ASN B 230 12.92 -9.95 -11.36
N GLY B 231 12.91 -10.36 -12.64
CA GLY B 231 14.05 -11.10 -13.24
C GLY B 231 14.40 -12.44 -12.60
N ALA B 232 13.40 -13.16 -12.05
CA ALA B 232 13.64 -14.45 -11.44
C ALA B 232 13.83 -15.38 -12.59
N PHE B 233 14.54 -16.48 -12.34
CA PHE B 233 14.77 -17.48 -13.40
C PHE B 233 13.67 -18.52 -13.26
N VAL B 234 12.65 -18.35 -14.09
CA VAL B 234 11.49 -19.21 -14.12
C VAL B 234 11.66 -20.37 -15.07
N LEU B 235 11.67 -21.57 -14.50
CA LEU B 235 11.80 -22.83 -15.25
C LEU B 235 10.51 -23.49 -15.57
N SER B 236 10.31 -23.65 -16.87
CA SER B 236 9.12 -24.29 -17.40
C SER B 236 9.54 -25.69 -17.77
N ILE B 237 9.44 -26.59 -16.78
CA ILE B 237 9.85 -28.00 -16.97
C ILE B 237 8.79 -28.95 -17.53
N ASP B 238 9.17 -29.69 -18.56
CA ASP B 238 8.29 -30.63 -19.23
C ASP B 238 7.90 -31.96 -18.49
N THR B 239 7.09 -31.82 -17.44
CA THR B 239 6.56 -32.93 -16.58
C THR B 239 5.34 -32.42 -15.87
N ASP B 240 4.99 -33.15 -14.81
CA ASP B 240 3.87 -32.86 -13.96
C ASP B 240 4.43 -32.33 -12.62
N PHE B 241 3.58 -32.19 -11.62
CA PHE B 241 4.00 -31.68 -10.31
C PHE B 241 4.91 -32.65 -9.52
N ASP B 242 4.51 -33.92 -9.36
CA ASP B 242 5.33 -34.90 -8.65
C ASP B 242 6.74 -35.00 -9.19
N GLY B 243 6.87 -35.22 -10.49
CA GLY B 243 8.19 -35.33 -11.11
C GLY B 243 8.98 -34.04 -11.11
N CYS B 244 8.26 -32.94 -10.91
CA CYS B 244 8.85 -31.66 -10.89
C CYS B 244 9.49 -31.53 -9.50
N MET B 245 8.78 -32.06 -8.47
CA MET B 245 9.25 -32.05 -7.08
C MET B 245 10.50 -32.85 -6.94
N LYS B 246 10.62 -33.85 -7.78
CA LYS B 246 11.75 -34.74 -7.81
C LYS B 246 12.99 -34.03 -8.31
N LEU B 247 12.90 -33.33 -9.44
CA LEU B 247 14.06 -32.61 -9.96
C LEU B 247 14.58 -31.61 -8.94
N ILE B 248 13.65 -30.94 -8.20
CA ILE B 248 14.04 -29.97 -7.18
C ILE B 248 14.86 -30.68 -6.09
N ARG B 249 14.42 -31.90 -5.71
CA ARG B 249 15.10 -32.69 -4.69
C ARG B 249 16.50 -33.00 -5.25
N GLU B 250 16.54 -33.41 -6.52
CA GLU B 250 17.80 -33.74 -7.15
C GLU B 250 18.73 -32.54 -7.24
N ILE B 251 18.28 -31.42 -7.83
CA ILE B 251 19.09 -30.24 -7.94
C ILE B 251 19.59 -29.70 -6.61
N THR B 252 18.74 -29.72 -5.59
CA THR B 252 19.13 -29.18 -4.28
C THR B 252 20.09 -30.02 -3.51
N ALA B 253 20.34 -31.28 -3.92
CA ALA B 253 21.30 -32.08 -3.15
C ALA B 253 22.73 -31.92 -3.71
N GLU B 254 22.78 -31.53 -4.97
CA GLU B 254 23.98 -31.26 -5.75
C GLU B 254 24.42 -29.80 -5.54
N LEU B 255 23.46 -28.87 -5.37
CA LEU B 255 23.69 -27.44 -5.17
C LEU B 255 23.04 -26.82 -3.95
N PRO B 256 23.71 -25.83 -3.35
CA PRO B 256 23.15 -25.19 -2.19
C PRO B 256 22.17 -24.09 -2.60
N ILE B 257 20.95 -24.49 -2.97
CA ILE B 257 19.89 -23.61 -3.35
C ILE B 257 19.00 -23.78 -2.14
N TYR B 258 18.79 -22.70 -1.41
CA TYR B 258 17.95 -22.78 -0.26
C TYR B 258 16.51 -22.78 -0.81
N LEU B 259 15.78 -23.84 -0.54
CA LEU B 259 14.44 -23.94 -1.03
C LEU B 259 13.57 -23.25 -0.01
N ALA B 260 12.89 -22.16 -0.40
CA ALA B 260 12.01 -21.42 0.57
C ALA B 260 10.94 -22.33 1.11
N ASN B 261 11.30 -23.06 2.17
CA ASN B 261 10.38 -23.98 2.81
C ASN B 261 9.08 -23.25 2.82
N SER B 262 8.00 -24.01 2.82
CA SER B 262 6.67 -23.39 2.88
C SER B 262 6.66 -23.17 4.42
N LEU B 263 6.66 -24.31 5.13
CA LEU B 263 6.64 -24.41 6.59
C LEU B 263 8.02 -23.95 7.09
N ASN B 264 8.41 -22.73 6.72
CA ASN B 264 9.70 -22.21 7.13
C ASN B 264 9.52 -21.31 8.34
N SER B 265 10.44 -21.36 9.28
CA SER B 265 10.30 -20.55 10.50
C SER B 265 10.88 -19.16 10.59
N LEU B 266 11.81 -18.81 9.71
CA LEU B 266 12.35 -17.46 9.78
C LEU B 266 11.18 -16.52 9.39
N ARG B 267 10.34 -16.94 8.46
CA ARG B 267 9.17 -16.14 7.98
C ARG B 267 8.27 -15.63 9.14
N LEU B 268 7.95 -16.51 10.07
CA LEU B 268 7.13 -16.12 11.18
C LEU B 268 7.75 -15.00 12.01
N GLU B 269 9.07 -14.91 12.03
CA GLU B 269 9.73 -13.86 12.80
C GLU B 269 9.35 -12.51 12.26
N GLY B 270 9.31 -12.40 10.93
CA GLY B 270 8.97 -11.15 10.21
C GLY B 270 7.52 -10.81 10.44
N GLN B 271 6.67 -11.80 10.22
CA GLN B 271 5.24 -11.72 10.37
C GLN B 271 4.79 -11.37 11.76
N LYS B 272 5.38 -11.95 12.79
CA LYS B 272 4.91 -11.61 14.14
C LYS B 272 4.82 -10.09 14.34
N THR B 273 5.74 -9.33 13.75
CA THR B 273 5.74 -7.85 13.89
C THR B 273 4.42 -7.17 13.50
N ALA B 274 3.56 -7.84 12.74
CA ALA B 274 2.29 -7.21 12.39
C ALA B 274 1.48 -7.19 13.67
N ALA B 275 1.62 -8.16 14.55
CA ALA B 275 0.84 -8.09 15.78
C ALA B 275 1.40 -6.94 16.57
N ILE B 276 2.72 -6.93 16.70
CA ILE B 276 3.36 -5.85 17.44
C ILE B 276 2.89 -4.45 16.94
N GLU B 277 2.89 -4.28 15.61
CA GLU B 277 2.47 -3.00 14.99
C GLU B 277 1.03 -2.70 15.41
N ILE B 278 0.13 -3.68 15.29
CA ILE B 278 -1.23 -3.43 15.72
C ILE B 278 -1.20 -2.81 17.11
N LEU B 279 -0.56 -3.44 18.10
CA LEU B 279 -0.53 -2.81 19.47
C LEU B 279 0.07 -1.40 19.41
N GLN B 280 1.25 -1.27 18.78
CA GLN B 280 1.91 0.04 18.68
C GLN B 280 0.93 1.09 18.12
N GLN B 281 0.13 0.64 17.15
CA GLN B 281 -0.86 1.47 16.49
C GLN B 281 -1.94 1.93 17.43
N PHE B 282 -2.39 1.08 18.37
CA PHE B 282 -3.44 1.52 19.34
C PHE B 282 -2.79 2.19 20.54
N ASP B 283 -1.63 2.77 20.32
CA ASP B 283 -0.89 3.43 21.39
C ASP B 283 -0.84 2.41 22.59
N TRP B 284 -0.26 1.26 22.28
CA TRP B 284 -0.07 0.16 23.19
C TRP B 284 -1.29 -0.24 23.98
N GLN B 285 -2.37 -0.55 23.28
CA GLN B 285 -3.61 -0.99 23.88
C GLN B 285 -4.04 -2.27 23.20
N VAL B 286 -4.52 -3.21 23.97
CA VAL B 286 -4.88 -4.47 23.39
C VAL B 286 -6.27 -4.60 22.83
N PRO B 287 -6.39 -5.05 21.58
CA PRO B 287 -7.72 -5.22 21.03
C PRO B 287 -8.42 -6.40 21.69
N ASP B 288 -9.75 -6.43 21.67
CA ASP B 288 -10.44 -7.57 22.26
C ASP B 288 -10.41 -8.75 21.27
N TRP B 289 -10.44 -8.51 19.96
CA TRP B 289 -10.42 -9.61 18.98
C TRP B 289 -9.60 -9.40 17.70
N VAL B 290 -8.75 -10.34 17.35
CA VAL B 290 -8.03 -10.15 16.12
C VAL B 290 -8.57 -11.23 15.24
N ILE B 291 -8.89 -10.91 14.01
CA ILE B 291 -9.44 -11.96 13.12
C ILE B 291 -8.49 -12.32 12.01
N VAL B 292 -7.88 -13.48 12.10
CA VAL B 292 -6.95 -13.79 11.05
C VAL B 292 -7.57 -14.78 10.06
N PRO B 293 -7.65 -14.39 8.78
CA PRO B 293 -8.24 -15.29 7.83
C PRO B 293 -7.22 -16.27 7.63
N GLY B 294 -7.34 -17.40 8.33
CA GLY B 294 -6.40 -18.52 8.27
C GLY B 294 -6.24 -19.40 7.03
N GLY B 295 -5.80 -18.87 5.87
CA GLY B 295 -5.62 -19.73 4.67
C GLY B 295 -4.39 -20.57 4.99
N ASN B 296 -3.32 -19.84 5.25
CA ASN B 296 -2.02 -20.35 5.61
C ASN B 296 -2.11 -20.33 7.13
N LEU B 297 -2.06 -21.52 7.72
CA LEU B 297 -2.17 -21.59 9.16
C LEU B 297 -1.09 -20.98 9.99
N GLY B 298 0.10 -20.79 9.42
CA GLY B 298 1.18 -20.17 10.21
C GLY B 298 0.85 -18.73 10.70
N ASN B 299 0.14 -17.99 9.86
CA ASN B 299 -0.25 -16.62 10.13
C ASN B 299 -0.87 -16.40 11.51
N ILE B 300 -1.98 -17.11 11.80
CA ILE B 300 -2.63 -16.94 13.10
C ILE B 300 -1.59 -17.28 14.15
N TYR B 301 -0.85 -18.34 14.00
CA TYR B 301 0.16 -18.60 15.01
C TYR B 301 1.21 -17.46 15.02
N ALA B 302 1.45 -16.80 13.90
CA ALA B 302 2.45 -15.72 13.88
C ALA B 302 2.01 -14.54 14.73
N PHE B 303 0.71 -14.20 14.61
CA PHE B 303 0.14 -13.14 15.40
C PHE B 303 0.28 -13.45 16.87
N TYR B 304 -0.22 -14.60 17.29
CA TYR B 304 -0.06 -14.91 18.68
C TYR B 304 1.37 -14.76 19.12
N LYS B 305 2.31 -15.29 18.37
CA LYS B 305 3.69 -15.20 18.80
C LYS B 305 4.05 -13.74 19.08
N GLY B 306 3.57 -12.83 18.22
CA GLY B 306 3.80 -11.38 18.31
C GLY B 306 3.12 -10.76 19.53
N PHE B 307 1.86 -11.08 19.76
CA PHE B 307 1.23 -10.52 20.93
C PHE B 307 1.81 -11.07 22.22
N LYS B 308 1.93 -12.38 22.34
CA LYS B 308 2.47 -13.04 23.54
C LYS B 308 3.86 -12.50 23.90
N MET B 309 4.64 -12.07 22.89
CA MET B 309 5.97 -11.53 23.13
C MET B 309 5.86 -10.16 23.77
N CYS B 310 4.86 -9.41 23.37
CA CYS B 310 4.61 -8.07 23.95
C CYS B 310 4.06 -8.27 25.35
N GLN B 311 3.33 -9.33 25.61
CA GLN B 311 2.80 -9.52 26.96
C GLN B 311 3.99 -9.89 27.89
N GLU B 312 4.71 -10.98 27.57
CA GLU B 312 5.86 -11.43 28.37
C GLU B 312 6.82 -10.35 28.69
N LEU B 313 7.14 -9.52 27.70
CA LEU B 313 8.11 -8.45 27.93
C LEU B 313 7.55 -7.20 28.65
N GLY B 314 6.27 -7.24 29.03
CA GLY B 314 5.60 -6.16 29.75
C GLY B 314 5.24 -4.89 29.07
N LEU B 315 4.94 -4.97 27.78
CA LEU B 315 4.53 -3.82 26.97
C LEU B 315 3.03 -3.61 27.26
N VAL B 316 2.28 -4.71 27.23
CA VAL B 316 0.83 -4.74 27.48
C VAL B 316 0.63 -5.77 28.57
N ASP B 317 -0.61 -6.06 28.94
CA ASP B 317 -0.90 -7.04 30.01
C ASP B 317 -1.79 -8.24 29.63
N ARG B 318 -2.49 -8.16 28.48
CA ARG B 318 -3.37 -9.22 27.99
C ARG B 318 -2.84 -9.45 26.59
N ILE B 319 -3.46 -10.39 25.92
CA ILE B 319 -3.14 -10.75 24.56
C ILE B 319 -4.57 -10.78 24.12
N PRO B 320 -4.83 -10.52 22.84
CA PRO B 320 -6.19 -10.54 22.35
C PRO B 320 -6.70 -11.93 22.12
N ARG B 321 -8.03 -12.11 22.11
CA ARG B 321 -8.61 -13.41 21.83
C ARG B 321 -8.54 -13.39 20.33
N MET B 322 -8.43 -14.55 19.72
CA MET B 322 -8.34 -14.52 18.27
C MET B 322 -9.32 -15.42 17.59
N VAL B 323 -9.43 -15.24 16.29
CA VAL B 323 -10.32 -16.05 15.47
C VAL B 323 -9.65 -16.47 14.17
N CYS B 324 -9.69 -17.77 13.91
CA CYS B 324 -9.13 -18.33 12.71
C CYS B 324 -10.32 -18.49 11.79
N ALA B 325 -10.37 -17.61 10.80
CA ALA B 325 -11.44 -17.58 9.79
C ALA B 325 -11.12 -18.51 8.62
N GLN B 326 -11.92 -19.55 8.43
CA GLN B 326 -11.65 -20.47 7.36
C GLN B 326 -12.60 -20.57 6.21
N ALA B 327 -12.08 -21.12 5.13
CA ALA B 327 -12.92 -21.29 4.01
C ALA B 327 -13.62 -22.63 4.32
N ALA B 328 -14.93 -22.67 4.17
CA ALA B 328 -15.64 -23.88 4.44
C ALA B 328 -14.98 -25.14 3.85
N ASN B 329 -14.80 -26.16 4.72
CA ASN B 329 -14.20 -27.45 4.36
C ASN B 329 -12.67 -27.48 4.06
N ALA B 330 -11.98 -26.35 4.25
CA ALA B 330 -10.53 -26.23 4.01
C ALA B 330 -9.67 -27.35 4.60
N ASN B 331 -9.82 -27.54 5.91
CA ASN B 331 -9.06 -28.56 6.66
C ASN B 331 -9.77 -29.10 7.91
N PRO B 332 -9.15 -30.04 8.63
CA PRO B 332 -9.90 -30.48 9.81
C PRO B 332 -9.98 -29.44 10.96
N LEU B 333 -9.27 -28.30 10.81
CA LEU B 333 -9.28 -27.29 11.88
C LEU B 333 -10.64 -27.01 12.51
N TYR B 334 -11.61 -26.70 11.70
CA TYR B 334 -12.91 -26.41 12.23
C TYR B 334 -13.49 -27.64 12.92
N LEU B 335 -13.51 -28.81 12.26
CA LEU B 335 -14.06 -29.94 13.00
C LEU B 335 -13.35 -30.11 14.33
N HIS B 336 -12.02 -29.91 14.36
CA HIS B 336 -11.29 -30.04 15.63
C HIS B 336 -11.82 -29.02 16.67
N TYR B 337 -12.13 -27.82 16.21
CA TYR B 337 -12.66 -26.80 17.09
C TYR B 337 -14.07 -27.10 17.60
N LYS B 338 -15.05 -27.32 16.73
CA LYS B 338 -16.40 -27.61 17.27
C LYS B 338 -16.40 -28.76 18.29
N SER B 339 -15.28 -29.48 18.44
CA SER B 339 -15.20 -30.59 19.41
C SER B 339 -14.03 -30.37 20.36
N GLY B 340 -14.02 -29.20 21.02
CA GLY B 340 -13.01 -28.77 21.98
C GLY B 340 -11.65 -29.44 21.87
N TRP B 341 -11.19 -29.59 20.63
CA TRP B 341 -9.90 -30.22 20.28
C TRP B 341 -9.60 -31.59 20.94
N LYS B 342 -10.67 -32.25 21.40
CA LYS B 342 -10.59 -33.57 22.06
C LYS B 342 -9.95 -34.68 21.21
N ASP B 343 -10.18 -34.65 19.91
CA ASP B 343 -9.65 -35.63 18.96
C ASP B 343 -8.40 -35.19 18.16
N PHE B 344 -7.69 -34.19 18.65
CA PHE B 344 -6.50 -33.71 17.94
C PHE B 344 -5.15 -34.33 18.33
N LYS B 345 -4.31 -34.56 17.32
CA LYS B 345 -2.97 -35.14 17.50
C LYS B 345 -1.80 -34.34 16.89
N PRO B 346 -0.75 -34.06 17.69
CA PRO B 346 0.41 -33.31 17.25
C PRO B 346 1.64 -34.20 16.97
N VAL B 363 -1.24 -30.18 6.64
CA VAL B 363 -0.56 -28.88 6.90
C VAL B 363 -0.19 -28.52 8.37
N SER B 364 0.53 -27.40 8.56
CA SER B 364 0.97 -26.90 9.91
C SER B 364 -0.16 -26.51 10.88
N ILE B 365 -1.10 -27.42 11.06
CA ILE B 365 -2.27 -27.25 11.92
C ILE B 365 -1.88 -27.02 13.38
N ASP B 366 -0.94 -27.83 13.88
CA ASP B 366 -0.53 -27.71 15.27
C ASP B 366 -0.33 -26.30 15.77
N ARG B 367 0.31 -25.48 14.96
CA ARG B 367 0.60 -24.10 15.34
C ARG B 367 -0.70 -23.40 15.68
N ALA B 368 -1.63 -23.42 14.75
CA ALA B 368 -2.94 -22.80 14.94
C ALA B 368 -3.57 -23.29 16.26
N VAL B 369 -3.59 -24.60 16.42
CA VAL B 369 -4.16 -25.18 17.60
C VAL B 369 -3.45 -24.52 18.81
N TYR B 370 -2.17 -24.81 18.97
CA TYR B 370 -1.40 -24.26 20.06
C TYR B 370 -1.73 -22.83 20.38
N ALA B 371 -1.96 -22.05 19.32
CA ALA B 371 -2.28 -20.65 19.46
C ALA B 371 -3.70 -20.44 19.98
N LEU B 372 -4.69 -20.93 19.24
CA LEU B 372 -6.07 -20.78 19.64
C LEU B 372 -6.32 -21.33 21.08
N LYS B 373 -5.47 -22.25 21.57
CA LYS B 373 -5.64 -22.78 22.93
C LYS B 373 -5.19 -21.74 23.93
N LYS B 374 -4.00 -21.22 23.69
CA LYS B 374 -3.38 -20.20 24.53
C LYS B 374 -4.10 -18.86 24.57
N CYS B 375 -4.95 -18.54 23.60
CA CYS B 375 -5.64 -17.24 23.65
C CYS B 375 -7.15 -17.48 23.63
N ASN B 376 -7.50 -18.71 23.96
CA ASN B 376 -8.87 -19.13 24.01
C ASN B 376 -9.58 -18.55 22.80
N GLY B 377 -9.05 -18.95 21.62
CA GLY B 377 -9.53 -18.54 20.31
C GLY B 377 -10.74 -19.27 19.81
N ILE B 378 -11.10 -18.98 18.57
CA ILE B 378 -12.25 -19.60 17.91
C ILE B 378 -11.97 -19.83 16.46
N VAL B 379 -12.58 -20.86 15.92
CA VAL B 379 -12.41 -21.16 14.53
C VAL B 379 -13.79 -21.02 13.94
N GLU B 380 -13.87 -20.44 12.76
CA GLU B 380 -15.16 -20.26 12.05
C GLU B 380 -15.09 -20.38 10.48
N GLU B 381 -16.16 -20.91 9.89
CA GLU B 381 -16.26 -21.11 8.43
C GLU B 381 -17.01 -20.14 7.53
N ALA B 382 -16.59 -20.06 6.26
CA ALA B 382 -17.21 -19.18 5.26
C ALA B 382 -17.45 -19.97 3.99
N THR B 383 -18.70 -20.11 3.58
CA THR B 383 -19.06 -20.85 2.35
C THR B 383 -18.49 -19.99 1.19
N GLU B 384 -18.42 -20.52 -0.02
CA GLU B 384 -17.87 -19.71 -1.10
C GLU B 384 -18.78 -18.47 -1.27
N GLU B 385 -20.09 -18.68 -1.27
CA GLU B 385 -21.04 -17.59 -1.43
C GLU B 385 -20.91 -16.52 -0.32
N GLU B 386 -20.95 -16.94 0.94
CA GLU B 386 -20.83 -16.06 2.09
C GLU B 386 -19.62 -15.18 2.00
N LEU B 387 -18.47 -15.74 1.70
CA LEU B 387 -17.33 -14.83 1.62
C LEU B 387 -17.52 -13.76 0.52
N MET B 388 -18.08 -14.10 -0.64
CA MET B 388 -18.26 -13.12 -1.74
C MET B 388 -19.21 -12.00 -1.35
N ASP B 389 -20.39 -12.37 -0.83
CA ASP B 389 -21.38 -11.37 -0.39
C ASP B 389 -20.74 -10.42 0.57
N ALA B 390 -20.05 -10.94 1.61
CA ALA B 390 -19.39 -10.04 2.58
C ALA B 390 -18.47 -9.12 1.85
N MET B 391 -17.73 -9.65 0.90
CA MET B 391 -16.80 -8.84 0.13
C MET B 391 -17.52 -7.65 -0.53
N ALA B 392 -18.69 -7.94 -1.10
CA ALA B 392 -19.56 -6.99 -1.78
C ALA B 392 -20.13 -5.96 -0.78
N GLN B 393 -20.29 -6.37 0.47
CA GLN B 393 -20.77 -5.49 1.49
C GLN B 393 -19.58 -4.66 1.95
N ALA B 394 -18.40 -5.24 2.15
CA ALA B 394 -17.33 -4.39 2.60
C ALA B 394 -16.92 -3.44 1.51
N ASP B 395 -16.86 -3.93 0.27
CA ASP B 395 -16.46 -3.05 -0.81
C ASP B 395 -17.42 -1.88 -0.96
N SER B 396 -18.71 -2.17 -0.74
CA SER B 396 -19.70 -1.13 -0.86
C SER B 396 -19.44 -0.04 0.13
N THR B 397 -18.62 -0.31 1.15
CA THR B 397 -18.36 0.76 2.11
C THR B 397 -16.98 1.46 1.94
N GLY B 398 -16.37 1.36 0.77
CA GLY B 398 -15.11 2.05 0.58
C GLY B 398 -13.93 1.16 0.50
N MET B 399 -14.12 -0.06 0.99
CA MET B 399 -13.04 -1.05 0.95
C MET B 399 -12.87 -1.65 -0.48
N PHE B 400 -11.90 -2.52 -0.66
CA PHE B 400 -11.64 -3.13 -1.96
C PHE B 400 -10.67 -4.20 -1.47
N ILE B 401 -11.30 -5.27 -0.99
CA ILE B 401 -10.65 -6.42 -0.40
C ILE B 401 -10.57 -7.78 -1.09
N CYS B 402 -9.60 -8.57 -0.62
CA CYS B 402 -9.32 -9.92 -1.09
C CYS B 402 -10.37 -10.79 -0.52
N PRO B 403 -10.62 -11.96 -1.13
CA PRO B 403 -11.64 -12.86 -0.58
C PRO B 403 -11.32 -13.33 0.86
N HIS B 404 -10.06 -13.33 1.30
CA HIS B 404 -9.86 -13.78 2.69
C HIS B 404 -10.49 -12.85 3.72
N THR B 405 -10.46 -11.55 3.43
CA THR B 405 -11.06 -10.61 4.35
C THR B 405 -12.60 -10.95 4.23
N GLY B 406 -13.01 -11.48 3.07
CA GLY B 406 -14.42 -11.83 2.90
C GLY B 406 -14.73 -12.89 3.93
N VAL B 407 -13.79 -13.83 4.02
CA VAL B 407 -13.84 -14.96 4.98
C VAL B 407 -13.79 -14.47 6.46
N ALA B 408 -13.02 -13.40 6.72
CA ALA B 408 -12.93 -12.89 8.08
C ALA B 408 -14.26 -12.27 8.49
N LEU B 409 -14.71 -11.28 7.70
CA LEU B 409 -15.98 -10.58 7.94
C LEU B 409 -17.10 -11.58 8.04
N THR B 410 -17.07 -12.65 7.24
CA THR B 410 -18.15 -13.63 7.35
C THR B 410 -18.13 -14.12 8.78
N ALA B 411 -16.95 -14.57 9.21
CA ALA B 411 -16.73 -15.09 10.55
C ALA B 411 -17.16 -14.11 11.59
N LEU B 412 -16.86 -12.84 11.34
CA LEU B 412 -17.21 -11.81 12.26
C LEU B 412 -18.73 -11.73 12.34
N PHE B 413 -19.34 -11.79 11.17
CA PHE B 413 -20.77 -11.72 11.11
C PHE B 413 -21.33 -12.87 11.95
N LYS B 414 -20.86 -14.10 11.76
CA LYS B 414 -21.44 -15.16 12.59
C LYS B 414 -21.18 -14.94 14.08
N LEU B 415 -19.94 -14.55 14.44
CA LEU B 415 -19.61 -14.32 15.86
C LEU B 415 -20.53 -13.36 16.62
N ARG B 416 -20.88 -12.26 15.95
CA ARG B 416 -21.79 -11.20 16.44
C ARG B 416 -23.17 -11.80 16.73
N ASN B 417 -23.60 -12.78 15.93
CA ASN B 417 -24.95 -13.40 16.11
C ASN B 417 -25.03 -14.26 17.31
N GLN B 418 -24.04 -15.12 17.44
CA GLN B 418 -23.94 -16.06 18.53
C GLN B 418 -23.72 -15.24 19.83
N GLY B 419 -23.41 -13.96 19.65
CA GLY B 419 -23.18 -13.02 20.74
C GLY B 419 -21.82 -13.19 21.37
N VAL B 420 -20.95 -13.93 20.67
CA VAL B 420 -19.61 -14.19 21.12
C VAL B 420 -18.82 -12.87 21.09
N ILE B 421 -18.97 -12.08 20.01
CA ILE B 421 -18.26 -10.77 19.90
C ILE B 421 -19.27 -9.66 20.11
N ALA B 422 -18.99 -8.78 21.08
CA ALA B 422 -19.84 -7.63 21.47
C ALA B 422 -19.72 -6.41 20.54
N PRO B 423 -20.81 -5.62 20.41
CA PRO B 423 -20.79 -4.46 19.56
C PRO B 423 -19.75 -3.42 19.92
N THR B 424 -19.19 -3.41 21.12
CA THR B 424 -18.21 -2.40 21.45
C THR B 424 -16.81 -2.89 21.55
N ASP B 425 -16.61 -4.18 21.19
CA ASP B 425 -15.31 -4.83 21.22
C ASP B 425 -14.39 -4.33 20.14
N ARG B 426 -13.15 -4.01 20.55
CA ARG B 426 -12.11 -3.52 19.68
C ARG B 426 -11.63 -4.73 18.89
N THR B 427 -12.05 -4.75 17.63
CA THR B 427 -11.75 -5.83 16.73
C THR B 427 -11.04 -5.40 15.51
N VAL B 428 -9.98 -6.18 15.23
CA VAL B 428 -9.12 -5.99 14.11
C VAL B 428 -9.18 -7.21 13.19
N VAL B 429 -9.54 -7.00 11.92
CA VAL B 429 -9.61 -8.07 10.94
C VAL B 429 -8.32 -7.89 10.16
N VAL B 430 -7.57 -8.96 9.84
CA VAL B 430 -6.32 -8.78 9.11
C VAL B 430 -6.51 -9.08 7.67
N SER B 431 -6.15 -8.13 6.82
CA SER B 431 -6.26 -8.29 5.38
C SER B 431 -4.84 -8.59 4.92
N THR B 432 -4.70 -9.78 4.34
CA THR B 432 -3.44 -10.32 3.85
C THR B 432 -2.96 -10.07 2.41
N ALA B 433 -3.87 -9.72 1.53
CA ALA B 433 -3.40 -9.46 0.16
C ALA B 433 -4.12 -8.21 -0.34
N HIS B 434 -3.46 -7.46 -1.22
CA HIS B 434 -4.07 -6.21 -1.76
C HIS B 434 -5.25 -6.60 -2.68
N GLY B 435 -6.37 -5.87 -2.62
CA GLY B 435 -7.52 -6.19 -3.48
C GLY B 435 -7.21 -6.07 -5.00
N LEU B 436 -6.22 -5.30 -5.40
CA LEU B 436 -5.99 -5.26 -6.84
C LEU B 436 -5.68 -6.59 -7.48
N LYS B 437 -5.29 -7.59 -6.70
CA LYS B 437 -4.97 -8.89 -7.21
C LYS B 437 -6.23 -9.73 -7.31
N PHE B 438 -7.40 -9.17 -7.13
CA PHE B 438 -8.59 -10.04 -7.20
C PHE B 438 -9.71 -9.47 -8.01
N THR B 439 -9.36 -8.62 -8.97
CA THR B 439 -10.36 -8.00 -9.78
C THR B 439 -11.29 -8.92 -10.52
N GLN B 440 -10.75 -9.86 -11.28
CA GLN B 440 -11.57 -10.74 -12.04
C GLN B 440 -12.67 -11.36 -11.19
N SER B 441 -12.38 -11.55 -9.92
CA SER B 441 -13.38 -12.14 -9.01
C SER B 441 -14.59 -11.22 -8.86
N LYS B 442 -14.31 -9.95 -8.63
CA LYS B 442 -15.32 -8.94 -8.46
C LYS B 442 -16.04 -8.68 -9.81
N ILE B 443 -15.28 -8.61 -10.89
CA ILE B 443 -15.90 -8.37 -12.14
C ILE B 443 -16.99 -9.36 -12.44
N ASP B 444 -16.64 -10.63 -12.23
CA ASP B 444 -17.55 -11.73 -12.45
C ASP B 444 -18.73 -11.69 -11.48
N TYR B 445 -18.44 -11.30 -10.22
CA TYR B 445 -19.50 -11.22 -9.20
C TYR B 445 -20.47 -10.11 -9.58
N HIS B 446 -19.93 -8.94 -9.92
CA HIS B 446 -20.76 -7.79 -10.29
C HIS B 446 -21.41 -7.90 -11.64
N SER B 447 -21.18 -8.99 -12.36
CA SER B 447 -21.85 -9.07 -13.64
C SER B 447 -22.73 -10.33 -13.59
N ASN B 448 -22.93 -10.85 -12.39
CA ASN B 448 -23.74 -12.03 -12.21
C ASN B 448 -23.24 -13.26 -12.94
N ALA B 449 -21.92 -13.38 -13.09
CA ALA B 449 -21.38 -14.56 -13.80
C ALA B 449 -20.54 -15.55 -13.00
N ILE B 450 -20.90 -15.76 -11.74
CA ILE B 450 -20.21 -16.71 -10.90
C ILE B 450 -21.24 -17.82 -10.75
N PRO B 451 -20.90 -19.03 -11.21
CA PRO B 451 -21.79 -20.21 -11.17
C PRO B 451 -22.16 -20.70 -9.76
N ASP B 452 -23.46 -20.92 -9.50
CA ASP B 452 -24.00 -21.40 -8.17
C ASP B 452 -23.79 -20.38 -7.05
N MET B 453 -24.24 -19.15 -7.31
CA MET B 453 -24.12 -18.05 -6.34
C MET B 453 -25.06 -16.99 -6.91
N ALA B 454 -25.79 -16.30 -6.05
CA ALA B 454 -26.73 -15.29 -6.51
C ALA B 454 -26.17 -13.93 -6.87
N CYS B 455 -25.11 -13.53 -6.18
CA CYS B 455 -24.55 -12.24 -6.46
C CYS B 455 -25.73 -11.26 -6.05
N ARG B 456 -26.13 -11.29 -4.77
CA ARG B 456 -27.18 -10.42 -4.24
C ARG B 456 -26.71 -8.98 -4.39
N PHE B 457 -25.42 -8.76 -4.30
CA PHE B 457 -25.06 -7.38 -4.37
C PHE B 457 -24.42 -6.94 -5.62
N SER B 458 -24.77 -7.50 -6.76
CA SER B 458 -24.11 -7.00 -7.94
C SER B 458 -24.56 -5.56 -8.17
N ASN B 459 -23.62 -4.71 -8.61
CA ASN B 459 -23.79 -3.33 -8.90
C ASN B 459 -23.41 -3.09 -10.39
N PRO B 460 -24.06 -3.77 -11.35
CA PRO B 460 -23.62 -3.46 -12.74
C PRO B 460 -23.99 -2.07 -13.23
N PRO B 461 -23.24 -1.52 -14.17
CA PRO B 461 -23.52 -0.19 -14.75
C PRO B 461 -24.88 -0.32 -15.40
N VAL B 462 -25.64 0.79 -15.39
CA VAL B 462 -26.96 0.92 -15.93
C VAL B 462 -27.00 1.66 -17.27
N ASP B 463 -27.74 1.09 -18.22
CA ASP B 463 -27.94 1.61 -19.58
C ASP B 463 -29.12 2.57 -19.65
N VAL B 464 -28.88 3.71 -20.29
CA VAL B 464 -29.89 4.71 -20.44
C VAL B 464 -29.51 5.45 -21.71
N LYS B 465 -30.55 5.90 -22.37
CA LYS B 465 -30.51 6.65 -23.62
C LYS B 465 -29.98 8.05 -23.38
N ALA B 466 -29.60 8.72 -24.45
CA ALA B 466 -29.10 10.04 -24.23
C ALA B 466 -30.26 11.06 -24.28
N ASP B 467 -31.11 10.94 -23.26
CA ASP B 467 -32.29 11.78 -23.05
C ASP B 467 -32.33 12.24 -21.60
N PHE B 468 -32.46 13.57 -21.42
CA PHE B 468 -32.51 14.19 -20.10
C PHE B 468 -33.59 13.65 -19.15
N GLY B 469 -34.84 13.49 -19.59
CA GLY B 469 -35.84 12.94 -18.68
C GLY B 469 -35.33 11.53 -18.36
N ALA B 470 -35.01 10.78 -19.40
CA ALA B 470 -34.52 9.44 -19.19
C ALA B 470 -33.47 9.39 -18.06
N VAL B 471 -32.47 10.25 -18.16
CA VAL B 471 -31.42 10.30 -17.17
C VAL B 471 -31.91 10.83 -15.85
N MET B 472 -32.76 11.83 -15.89
CA MET B 472 -33.28 12.40 -14.65
C MET B 472 -34.08 11.35 -13.92
N ASP B 473 -34.87 10.56 -14.65
CA ASP B 473 -35.65 9.50 -14.02
C ASP B 473 -34.73 8.55 -13.21
N VAL B 474 -33.79 7.89 -13.87
CA VAL B 474 -32.89 6.98 -13.17
C VAL B 474 -32.16 7.57 -11.95
N LEU B 475 -31.71 8.82 -12.06
CA LEU B 475 -31.04 9.44 -10.96
C LEU B 475 -32.03 9.69 -9.81
N LYS B 476 -33.29 10.08 -10.14
CA LYS B 476 -34.38 10.36 -9.16
C LYS B 476 -34.49 9.25 -8.16
N SER B 477 -34.82 8.03 -8.64
CA SER B 477 -34.94 6.88 -7.75
C SER B 477 -33.57 6.65 -7.08
N TYR B 478 -32.51 6.45 -7.83
CA TYR B 478 -31.23 6.25 -7.13
C TYR B 478 -30.95 7.22 -5.96
N LEU B 479 -31.01 8.54 -6.14
CA LEU B 479 -30.75 9.52 -5.06
C LEU B 479 -31.73 9.56 -3.88
#